data_8VR7
#
_entry.id   8VR7
#
_cell.length_a   107.895
_cell.length_b   157.818
_cell.length_c   66.046
_cell.angle_alpha   90.00
_cell.angle_beta   90.00
_cell.angle_gamma   90.00
#
_symmetry.space_group_name_H-M   'P 21 21 2'
#
loop_
_entity.id
_entity.type
_entity.pdbx_description
1 polymer 'Acetyltransferase, putative'
2 non-polymer 'ACETYL COENZYME *A'
3 non-polymer 'COENZYME A'
4 non-polymer 1,2-ETHANEDIOL
5 non-polymer '3-[4-(2-HYDROXYETHYL)PIPERAZIN-1-YL]PROPANE-1-SULFONIC ACID'
6 non-polymer "3'-PHOSPHATE-ADENOSINE-5'-DIPHOSPHATE"
7 water water
#
_entity_poly.entity_id   1
_entity_poly.type   'polypeptide(L)'
_entity_poly.pdbx_seq_one_letter_code
;GGGHMILLKELKELFFLRTTYYLKKYNRSLPFGDMIVDRWDKAKLLGFGEGTSIYDSSIVLGEVKVGKDTWIGPNTILDG
SGGGLIIGSNCSISAGVQIYTHDTVRKSLSGGKADIDKASTRIGSDCYLGPNTIIVKGVKIGDRVVVGANSLVLKDIPSD
CKVFGSPAVIITDSLNYQRNNI
;
_entity_poly.pdbx_strand_id   A,B,C,D,E,F
#
# COMPACT_ATOMS: atom_id res chain seq x y z
N GLY A 2 32.51 -11.84 31.41
CA GLY A 2 31.37 -11.14 32.02
C GLY A 2 31.05 -9.81 31.33
N GLY A 3 32.07 -8.93 31.29
CA GLY A 3 31.93 -7.57 30.81
C GLY A 3 31.54 -7.53 29.34
N HIS A 4 31.97 -8.57 28.60
CA HIS A 4 31.68 -8.70 27.19
C HIS A 4 30.16 -8.65 27.01
N MET A 5 29.40 -9.37 27.85
CA MET A 5 27.95 -9.48 27.67
C MET A 5 27.23 -8.25 28.21
N ILE A 6 27.81 -7.61 29.23
CA ILE A 6 27.28 -6.37 29.75
C ILE A 6 27.45 -5.29 28.70
N LEU A 7 28.59 -5.27 28.00
CA LEU A 7 28.76 -4.27 26.96
C LEU A 7 27.76 -4.49 25.83
N LEU A 8 27.54 -5.76 25.47
CA LEU A 8 26.56 -6.08 24.44
C LEU A 8 25.19 -5.54 24.83
N LYS A 9 24.77 -5.81 26.07
CA LYS A 9 23.49 -5.34 26.58
CA LYS A 9 23.50 -5.34 26.60
C LYS A 9 23.42 -3.81 26.47
N GLU A 10 24.52 -3.14 26.83
CA GLU A 10 24.57 -1.69 26.86
C GLU A 10 24.47 -1.15 25.43
N LEU A 11 25.24 -1.74 24.52
CA LEU A 11 25.11 -1.36 23.11
C LEU A 11 23.68 -1.58 22.61
N LYS A 12 23.07 -2.71 22.97
CA LYS A 12 21.70 -3.00 22.54
CA LYS A 12 21.71 -3.00 22.54
C LYS A 12 20.76 -1.94 23.10
N GLU A 13 20.94 -1.56 24.37
CA GLU A 13 20.07 -0.54 24.96
C GLU A 13 20.25 0.81 24.25
N LEU A 14 21.50 1.17 23.93
CA LEU A 14 21.77 2.43 23.26
C LEU A 14 21.09 2.43 21.89
N PHE A 15 21.17 1.30 21.20
CA PHE A 15 20.57 1.17 19.89
C PHE A 15 19.06 1.43 19.97
N PHE A 16 18.38 0.84 20.96
CA PHE A 16 16.93 0.97 21.08
CA PHE A 16 16.93 0.96 21.07
C PHE A 16 16.57 2.42 21.38
N LEU A 17 17.36 3.06 22.24
CA LEU A 17 17.09 4.43 22.63
C LEU A 17 17.35 5.38 21.46
N ARG A 18 18.45 5.19 20.74
CA ARG A 18 18.75 6.06 19.60
C ARG A 18 17.73 5.85 18.48
N THR A 19 17.43 4.60 18.14
CA THR A 19 16.42 4.35 17.12
C THR A 19 15.10 5.05 17.47
N THR A 20 14.63 4.88 18.72
CA THR A 20 13.35 5.46 19.12
C THR A 20 13.39 6.97 18.97
N TYR A 21 14.53 7.55 19.34
CA TYR A 21 14.79 8.98 19.22
C TYR A 21 14.73 9.41 17.75
N TYR A 22 15.59 8.83 16.89
CA TYR A 22 15.62 9.19 15.47
C TYR A 22 14.25 8.99 14.82
N LEU A 23 13.45 8.02 15.27
CA LEU A 23 12.16 7.80 14.63
C LEU A 23 11.24 8.99 14.91
N LYS A 24 11.25 9.51 16.15
CA LYS A 24 10.33 10.57 16.50
C LYS A 24 10.83 11.94 16.01
N LYS A 25 12.12 12.24 16.11
CA LYS A 25 12.60 13.56 15.72
C LYS A 25 12.73 13.67 14.19
N TYR A 26 13.57 12.81 13.58
CA TYR A 26 13.96 12.92 12.19
C TYR A 26 13.24 11.91 11.29
N ASN A 27 12.33 11.12 11.86
CA ASN A 27 11.41 10.29 11.08
C ASN A 27 12.19 9.28 10.22
N ARG A 28 13.18 8.60 10.83
CA ARG A 28 14.03 7.68 10.09
C ARG A 28 14.72 6.68 11.04
N SER A 29 15.14 5.55 10.46
CA SER A 29 15.91 4.52 11.15
C SER A 29 17.22 4.32 10.41
N LEU A 30 18.34 4.39 11.12
CA LEU A 30 19.66 4.34 10.50
C LEU A 30 20.44 3.16 11.06
N PRO A 31 21.53 2.77 10.37
CA PRO A 31 22.51 1.85 10.94
C PRO A 31 23.07 2.35 12.26
N PHE A 32 23.45 1.40 13.12
CA PHE A 32 24.13 1.66 14.37
C PHE A 32 25.21 2.73 14.21
N GLY A 33 26.02 2.59 13.15
CA GLY A 33 27.16 3.48 12.93
C GLY A 33 26.72 4.94 12.71
N ASP A 34 25.57 5.11 12.07
CA ASP A 34 25.08 6.43 11.71
C ASP A 34 24.34 7.08 12.87
N MET A 35 24.18 6.34 13.97
CA MET A 35 23.53 6.88 15.16
C MET A 35 24.56 7.25 16.21
N ILE A 36 25.81 6.88 15.98
CA ILE A 36 26.93 7.39 16.75
C ILE A 36 27.56 8.59 16.04
N VAL A 37 27.68 8.45 14.72
CA VAL A 37 28.44 9.40 13.92
C VAL A 37 27.45 10.28 13.15
N ASP A 38 27.61 11.60 13.29
CA ASP A 38 26.75 12.56 12.63
C ASP A 38 27.34 12.91 11.27
N ARG A 39 26.47 12.96 10.24
CA ARG A 39 26.83 13.20 8.84
C ARG A 39 27.47 14.57 8.64
N TRP A 40 26.97 15.59 9.35
CA TRP A 40 27.51 16.95 9.27
C TRP A 40 28.85 17.05 9.96
N ASP A 41 28.95 16.55 11.20
CA ASP A 41 30.22 16.60 11.92
C ASP A 41 31.31 15.81 11.19
N LYS A 42 30.96 14.69 10.55
CA LYS A 42 31.99 13.94 9.86
C LYS A 42 32.53 14.80 8.70
N ALA A 43 31.62 15.49 8.01
CA ALA A 43 31.99 16.33 6.88
C ALA A 43 32.86 17.48 7.37
N LYS A 44 32.44 18.12 8.47
CA LYS A 44 33.23 19.21 9.01
C LYS A 44 34.65 18.73 9.29
N LEU A 45 34.76 17.56 9.90
CA LEU A 45 36.04 17.04 10.34
C LEU A 45 36.96 16.73 9.16
N LEU A 46 36.40 16.26 8.05
CA LEU A 46 37.19 15.86 6.91
C LEU A 46 37.60 17.08 6.11
N GLY A 47 37.13 18.28 6.50
CA GLY A 47 37.56 19.51 5.84
C GLY A 47 36.65 19.91 4.68
N PHE A 48 35.43 19.37 4.66
CA PHE A 48 34.49 19.61 3.57
C PHE A 48 33.81 20.97 3.71
N GLY A 49 33.26 21.47 2.59
CA GLY A 49 32.54 22.75 2.57
C GLY A 49 31.29 22.78 3.44
N GLU A 50 30.78 23.99 3.66
CA GLU A 50 29.66 24.24 4.54
C GLU A 50 28.43 23.52 4.02
N GLY A 51 27.66 22.93 4.96
CA GLY A 51 26.40 22.29 4.67
C GLY A 51 26.58 20.93 3.99
N THR A 52 27.82 20.51 3.73
CA THR A 52 28.08 19.19 3.15
C THR A 52 27.87 18.13 4.23
N SER A 53 27.42 16.94 3.80
CA SER A 53 27.10 15.88 4.72
C SER A 53 27.62 14.56 4.16
N ILE A 54 28.06 13.67 5.06
CA ILE A 54 28.55 12.36 4.63
C ILE A 54 28.24 11.31 5.69
N TYR A 55 27.57 10.24 5.24
CA TYR A 55 27.15 9.13 6.10
C TYR A 55 28.35 8.42 6.71
N ASP A 56 28.13 7.81 7.89
CA ASP A 56 29.16 7.02 8.56
C ASP A 56 29.66 5.89 7.66
N SER A 57 28.77 5.34 6.83
CA SER A 57 29.08 4.17 6.01
C SER A 57 29.98 4.50 4.83
N SER A 58 30.19 5.81 4.54
CA SER A 58 31.06 6.23 3.44
C SER A 58 32.53 6.01 3.80
N ILE A 59 33.30 5.53 2.83
CA ILE A 59 34.74 5.33 2.95
C ILE A 59 35.49 6.44 2.20
N VAL A 60 36.44 7.09 2.88
CA VAL A 60 37.20 8.17 2.29
C VAL A 60 38.70 7.83 2.37
N LEU A 61 39.31 7.48 1.23
CA LEU A 61 40.71 7.13 1.24
C LEU A 61 41.52 8.26 0.61
N GLY A 62 42.71 8.52 1.17
CA GLY A 62 43.68 9.42 0.58
C GLY A 62 43.16 10.86 0.58
N GLU A 63 43.63 11.63 -0.41
CA GLU A 63 43.33 13.05 -0.52
C GLU A 63 41.96 13.25 -1.16
N VAL A 64 41.01 13.76 -0.38
CA VAL A 64 39.65 13.93 -0.86
C VAL A 64 39.16 15.27 -0.37
N LYS A 65 38.69 16.10 -1.29
CA LYS A 65 38.17 17.42 -0.94
C LYS A 65 36.79 17.60 -1.58
N VAL A 66 35.86 18.21 -0.84
CA VAL A 66 34.49 18.36 -1.30
C VAL A 66 34.06 19.78 -0.95
N GLY A 67 33.36 20.43 -1.89
CA GLY A 67 32.87 21.78 -1.68
C GLY A 67 31.67 21.81 -0.74
N LYS A 68 30.80 22.81 -0.96
CA LYS A 68 29.72 23.10 -0.04
C LYS A 68 28.40 22.57 -0.59
N ASP A 69 27.48 22.33 0.34
CA ASP A 69 26.14 21.84 0.07
C ASP A 69 26.13 20.58 -0.80
N THR A 70 27.11 19.70 -0.60
CA THR A 70 27.19 18.45 -1.34
C THR A 70 26.76 17.30 -0.41
N TRP A 71 25.92 16.43 -0.97
CA TRP A 71 25.36 15.30 -0.26
C TRP A 71 26.10 14.02 -0.65
N ILE A 72 26.85 13.46 0.30
CA ILE A 72 27.51 12.19 0.12
C ILE A 72 26.73 11.10 0.83
N GLY A 73 26.28 10.14 0.03
CA GLY A 73 25.27 9.21 0.44
C GLY A 73 25.85 8.00 1.18
N PRO A 74 24.97 7.13 1.68
CA PRO A 74 25.39 5.89 2.34
C PRO A 74 26.08 4.93 1.39
N ASN A 75 27.01 4.14 1.94
CA ASN A 75 27.57 3.02 1.21
C ASN A 75 28.35 3.51 -0.01
N THR A 76 28.93 4.72 0.10
CA THR A 76 29.71 5.30 -0.97
C THR A 76 31.20 5.05 -0.74
N ILE A 77 31.97 5.10 -1.84
CA ILE A 77 33.42 5.07 -1.83
C ILE A 77 33.93 6.36 -2.47
N LEU A 78 34.73 7.11 -1.70
CA LEU A 78 35.49 8.26 -2.20
C LEU A 78 36.97 7.95 -2.06
N ASP A 79 37.58 7.56 -3.19
CA ASP A 79 38.94 7.06 -3.19
C ASP A 79 39.87 8.04 -3.89
N GLY A 80 40.56 8.86 -3.08
CA GLY A 80 41.56 9.79 -3.56
C GLY A 80 42.99 9.28 -3.41
N SER A 81 43.16 7.96 -3.24
CA SER A 81 44.46 7.41 -2.85
C SER A 81 45.48 7.44 -3.98
N GLY A 82 45.04 7.63 -5.22
CA GLY A 82 45.93 7.59 -6.36
C GLY A 82 46.07 8.93 -7.08
N GLY A 83 46.04 10.02 -6.29
CA GLY A 83 46.48 11.34 -6.75
C GLY A 83 45.50 12.47 -6.41
N GLY A 84 44.48 12.20 -5.58
CA GLY A 84 43.57 13.27 -5.23
C GLY A 84 42.25 13.14 -5.94
N LEU A 85 41.19 13.29 -5.17
CA LEU A 85 39.83 13.33 -5.64
C LEU A 85 39.21 14.64 -5.19
N ILE A 86 38.68 15.40 -6.18
CA ILE A 86 37.97 16.64 -5.90
C ILE A 86 36.52 16.52 -6.36
N ILE A 87 35.60 16.96 -5.51
CA ILE A 87 34.19 17.03 -5.84
C ILE A 87 33.71 18.44 -5.49
N GLY A 88 32.86 19.00 -6.34
CA GLY A 88 32.51 20.40 -6.22
C GLY A 88 31.36 20.62 -5.25
N SER A 89 30.65 21.73 -5.47
CA SER A 89 29.59 22.22 -4.61
C SER A 89 28.21 21.87 -5.17
N ASN A 90 27.22 21.70 -4.28
CA ASN A 90 25.84 21.39 -4.62
C ASN A 90 25.69 20.09 -5.39
N CYS A 91 26.56 19.11 -5.10
CA CYS A 91 26.53 17.83 -5.80
C CYS A 91 25.68 16.83 -5.04
N SER A 92 25.02 15.95 -5.78
CA SER A 92 24.34 14.78 -5.25
C SER A 92 25.17 13.54 -5.55
N ILE A 93 25.78 12.98 -4.51
CA ILE A 93 26.51 11.72 -4.62
C ILE A 93 25.65 10.61 -3.99
N SER A 94 24.90 9.94 -4.86
CA SER A 94 23.86 9.01 -4.45
C SER A 94 24.45 7.80 -3.70
N ALA A 95 23.57 7.16 -2.94
CA ALA A 95 23.87 5.89 -2.30
C ALA A 95 24.53 4.92 -3.28
N GLY A 96 25.59 4.27 -2.80
CA GLY A 96 26.25 3.25 -3.56
C GLY A 96 27.22 3.77 -4.64
N VAL A 97 27.34 5.09 -4.79
CA VAL A 97 28.26 5.67 -5.79
C VAL A 97 29.68 5.38 -5.33
N GLN A 98 30.53 4.90 -6.25
CA GLN A 98 31.93 4.62 -6.03
C GLN A 98 32.79 5.46 -6.99
N ILE A 99 33.76 6.20 -6.43
CA ILE A 99 34.63 7.08 -7.19
C ILE A 99 36.07 6.74 -6.87
N TYR A 100 36.84 6.42 -7.91
CA TYR A 100 38.17 5.88 -7.71
C TYR A 100 39.25 6.72 -8.36
N THR A 101 40.46 6.55 -7.81
CA THR A 101 41.69 7.10 -8.37
C THR A 101 42.73 6.00 -8.47
N HIS A 102 42.35 4.73 -8.31
CA HIS A 102 43.32 3.66 -8.48
C HIS A 102 42.60 2.41 -9.00
N ASP A 103 43.36 1.39 -9.45
CA ASP A 103 42.82 0.05 -9.45
C ASP A 103 43.94 -0.99 -9.51
N THR A 104 43.53 -2.26 -9.40
CA THR A 104 44.40 -3.38 -9.10
C THR A 104 44.25 -4.50 -10.12
N VAL A 105 43.76 -4.19 -11.32
CA VAL A 105 43.50 -5.25 -12.28
C VAL A 105 44.81 -6.01 -12.56
N ARG A 106 45.84 -5.26 -12.98
CA ARG A 106 47.11 -5.85 -13.34
C ARG A 106 47.72 -6.57 -12.14
N LYS A 107 47.63 -5.94 -10.96
CA LYS A 107 48.12 -6.57 -9.75
C LYS A 107 47.54 -7.97 -9.62
N SER A 108 46.21 -8.10 -9.74
CA SER A 108 45.57 -9.39 -9.56
C SER A 108 45.96 -10.33 -10.70
N LEU A 109 45.87 -9.86 -11.94
CA LEU A 109 45.93 -10.76 -13.07
C LEU A 109 47.35 -11.30 -13.23
N SER A 110 48.34 -10.56 -12.71
CA SER A 110 49.76 -10.92 -12.77
C SER A 110 50.19 -11.72 -11.55
N GLY A 111 49.25 -12.06 -10.66
CA GLY A 111 49.56 -12.89 -9.51
C GLY A 111 50.28 -12.10 -8.42
N GLY A 112 50.11 -10.78 -8.42
CA GLY A 112 50.50 -9.95 -7.31
C GLY A 112 51.78 -9.18 -7.58
N LYS A 113 52.26 -9.24 -8.82
CA LYS A 113 53.55 -8.69 -9.22
C LYS A 113 53.45 -7.26 -9.73
N ALA A 114 52.44 -6.95 -10.55
CA ALA A 114 52.26 -5.61 -11.09
C ALA A 114 51.96 -4.61 -9.97
N ASP A 115 52.26 -3.35 -10.26
CA ASP A 115 51.87 -2.24 -9.40
C ASP A 115 50.38 -1.93 -9.53
N ILE A 116 49.86 -1.26 -8.50
CA ILE A 116 48.59 -0.57 -8.55
C ILE A 116 48.70 0.57 -9.57
N ASP A 117 47.69 0.73 -10.45
CA ASP A 117 47.65 1.85 -11.39
C ASP A 117 46.83 2.98 -10.79
N LYS A 118 47.27 4.23 -11.04
CA LYS A 118 46.79 5.41 -10.33
C LYS A 118 46.59 6.60 -11.24
N ALA A 119 45.55 7.42 -10.97
CA ALA A 119 45.27 8.64 -11.71
C ALA A 119 44.23 9.44 -10.94
N SER A 120 44.44 10.75 -10.84
CA SER A 120 43.55 11.59 -10.04
C SER A 120 42.23 11.76 -10.78
N THR A 121 41.21 12.17 -10.03
CA THR A 121 39.83 12.18 -10.50
C THR A 121 39.14 13.44 -9.96
N ARG A 122 38.22 14.02 -10.73
CA ARG A 122 37.67 15.34 -10.41
C ARG A 122 36.20 15.34 -10.82
N ILE A 123 35.35 15.95 -9.98
CA ILE A 123 33.99 16.22 -10.36
C ILE A 123 33.71 17.70 -10.07
N GLY A 124 32.98 18.36 -10.98
CA GLY A 124 32.72 19.77 -10.84
C GLY A 124 31.64 20.07 -9.80
N SER A 125 31.07 21.27 -9.92
CA SER A 125 29.95 21.70 -9.11
C SER A 125 28.62 21.39 -9.81
N ASP A 126 27.54 21.30 -9.03
CA ASP A 126 26.21 21.25 -9.62
C ASP A 126 25.97 19.94 -10.38
N CYS A 127 26.60 18.83 -9.93
CA CYS A 127 26.47 17.55 -10.62
C CYS A 127 25.61 16.57 -9.83
N TYR A 128 25.04 15.64 -10.58
CA TYR A 128 24.20 14.59 -10.03
C TYR A 128 24.79 13.26 -10.49
N LEU A 129 25.14 12.43 -9.52
CA LEU A 129 25.56 11.07 -9.78
C LEU A 129 24.51 10.13 -9.19
N GLY A 130 23.83 9.40 -10.06
CA GLY A 130 22.70 8.61 -9.61
C GLY A 130 23.17 7.33 -8.92
N PRO A 131 22.25 6.63 -8.23
CA PRO A 131 22.60 5.41 -7.50
C PRO A 131 23.48 4.43 -8.27
N ASN A 132 24.51 3.95 -7.57
CA ASN A 132 25.40 2.89 -8.03
C ASN A 132 26.20 3.31 -9.26
N THR A 133 26.38 4.62 -9.49
CA THR A 133 27.32 5.11 -10.48
C THR A 133 28.75 4.77 -10.07
N ILE A 134 29.56 4.35 -11.03
CA ILE A 134 30.96 4.05 -10.78
C ILE A 134 31.81 5.03 -11.61
N ILE A 135 32.71 5.75 -10.96
CA ILE A 135 33.66 6.62 -11.65
C ILE A 135 35.07 6.07 -11.47
N VAL A 136 35.78 5.81 -12.58
CA VAL A 136 37.08 5.17 -12.51
C VAL A 136 38.20 6.21 -12.48
N LYS A 137 39.43 5.75 -12.29
CA LYS A 137 40.56 6.65 -12.16
C LYS A 137 40.70 7.49 -13.43
N GLY A 138 41.18 8.71 -13.25
CA GLY A 138 41.56 9.56 -14.37
C GLY A 138 40.39 10.35 -14.95
N VAL A 139 39.17 10.17 -14.44
CA VAL A 139 38.04 10.87 -15.01
C VAL A 139 37.98 12.32 -14.49
N LYS A 140 37.73 13.23 -15.43
CA LYS A 140 37.39 14.60 -15.08
C LYS A 140 35.97 14.85 -15.55
N ILE A 141 35.08 15.14 -14.59
CA ILE A 141 33.71 15.54 -14.86
C ILE A 141 33.59 17.03 -14.59
N GLY A 142 32.94 17.75 -15.52
CA GLY A 142 32.83 19.20 -15.45
C GLY A 142 31.70 19.60 -14.51
N ASP A 143 31.22 20.85 -14.67
CA ASP A 143 30.10 21.37 -13.92
C ASP A 143 28.78 21.00 -14.60
N ARG A 144 27.74 20.86 -13.77
CA ARG A 144 26.37 20.70 -14.24
C ARG A 144 26.22 19.47 -15.12
N VAL A 145 26.74 18.34 -14.63
CA VAL A 145 26.63 17.08 -15.34
C VAL A 145 25.61 16.18 -14.62
N VAL A 146 24.76 15.52 -15.42
CA VAL A 146 23.88 14.46 -14.93
C VAL A 146 24.51 13.12 -15.29
N VAL A 147 24.75 12.28 -14.28
CA VAL A 147 25.15 10.91 -14.53
C VAL A 147 24.05 10.02 -13.97
N GLY A 148 23.32 9.34 -14.86
CA GLY A 148 22.20 8.50 -14.46
C GLY A 148 22.63 7.25 -13.68
N ALA A 149 21.64 6.72 -12.94
CA ALA A 149 21.84 5.54 -12.13
C ALA A 149 22.48 4.43 -12.93
N ASN A 150 23.32 3.64 -12.24
CA ASN A 150 23.82 2.38 -12.77
C ASN A 150 24.88 2.62 -13.85
N SER A 151 25.46 3.82 -13.94
CA SER A 151 26.41 4.14 -15.00
C SER A 151 27.81 3.72 -14.57
N LEU A 152 28.62 3.39 -15.58
CA LEU A 152 30.06 3.24 -15.42
C LEU A 152 30.72 4.28 -16.31
N VAL A 153 31.33 5.31 -15.67
CA VAL A 153 31.98 6.40 -16.37
C VAL A 153 33.46 6.05 -16.55
N LEU A 154 33.87 5.89 -17.81
CA LEU A 154 35.24 5.51 -18.14
C LEU A 154 36.05 6.68 -18.70
N LYS A 155 35.41 7.79 -19.06
CA LYS A 155 36.15 8.90 -19.66
C LYS A 155 35.57 10.23 -19.18
N ASP A 156 36.33 11.31 -19.41
CA ASP A 156 35.94 12.66 -19.05
C ASP A 156 34.57 13.04 -19.64
N ILE A 157 33.78 13.78 -18.86
CA ILE A 157 32.51 14.31 -19.31
C ILE A 157 32.55 15.82 -19.25
N PRO A 158 32.29 16.54 -20.36
CA PRO A 158 32.22 17.99 -20.35
C PRO A 158 31.04 18.52 -19.54
N SER A 159 31.18 19.74 -19.06
CA SER A 159 30.10 20.50 -18.46
C SER A 159 28.84 20.44 -19.32
N ASP A 160 27.71 20.53 -18.61
CA ASP A 160 26.39 20.74 -19.19
C ASP A 160 25.96 19.56 -20.04
N CYS A 161 26.43 18.35 -19.69
CA CYS A 161 26.04 17.14 -20.36
C CYS A 161 25.32 16.16 -19.42
N LYS A 162 24.48 15.33 -20.05
CA LYS A 162 23.83 14.18 -19.46
C LYS A 162 24.42 12.91 -20.06
N VAL A 163 24.84 11.98 -19.20
CA VAL A 163 25.27 10.67 -19.65
C VAL A 163 24.58 9.58 -18.84
N PHE A 164 24.45 8.40 -19.45
CA PHE A 164 24.20 7.18 -18.68
C PHE A 164 24.66 5.95 -19.45
N GLY A 165 24.61 4.79 -18.79
CA GLY A 165 24.94 3.52 -19.40
C GLY A 165 26.28 2.96 -18.87
N SER A 166 26.54 1.69 -19.25
CA SER A 166 27.77 0.99 -18.90
C SER A 166 28.41 0.50 -20.19
N PRO A 167 29.38 1.22 -20.77
CA PRO A 167 29.94 2.46 -20.20
C PRO A 167 29.06 3.65 -20.55
N ALA A 168 29.19 4.74 -19.78
CA ALA A 168 28.37 5.92 -19.99
C ALA A 168 28.72 6.56 -21.33
N VAL A 169 27.68 7.07 -22.01
CA VAL A 169 27.83 7.86 -23.23
C VAL A 169 27.05 9.14 -23.04
N ILE A 170 27.44 10.19 -23.76
CA ILE A 170 26.67 11.43 -23.78
C ILE A 170 25.37 11.17 -24.53
N ILE A 171 24.27 11.55 -23.90
CA ILE A 171 22.92 11.33 -24.38
C ILE A 171 22.42 12.62 -24.99
N THR A 172 22.61 13.73 -24.26
CA THR A 172 22.26 15.06 -24.72
C THR A 172 22.88 16.04 -23.74
N ASP A 173 22.54 17.32 -23.86
CA ASP A 173 23.00 18.30 -22.89
C ASP A 173 22.13 18.17 -21.65
N SER A 174 22.50 18.91 -20.59
CA SER A 174 21.76 18.85 -19.33
C SER A 174 21.02 20.14 -19.02
N LEU A 175 20.84 21.02 -20.03
CA LEU A 175 20.44 22.41 -19.79
C LEU A 175 19.02 22.46 -19.22
N ASN A 176 18.11 21.65 -19.73
CA ASN A 176 16.74 21.61 -19.27
C ASN A 176 16.67 21.35 -17.76
N TYR A 177 17.61 20.59 -17.19
CA TYR A 177 17.53 20.27 -15.76
C TYR A 177 17.89 21.46 -14.88
N GLN A 178 18.51 22.49 -15.46
CA GLN A 178 19.10 23.57 -14.67
C GLN A 178 18.06 24.66 -14.41
N ARG A 179 16.93 24.66 -15.13
CA ARG A 179 15.95 25.74 -15.18
C ARG A 179 15.36 26.10 -13.81
N ASN A 180 14.57 27.19 -13.80
CA ASN A 180 13.82 27.64 -12.63
C ASN A 180 12.37 27.96 -13.04
N GLY B 3 41.39 4.14 29.04
CA GLY B 3 40.15 4.96 29.06
C GLY B 3 39.35 4.76 27.78
N HIS B 4 39.68 5.54 26.76
CA HIS B 4 39.14 5.35 25.42
C HIS B 4 39.75 4.07 24.84
N MET B 5 41.02 3.80 25.19
CA MET B 5 41.74 2.64 24.69
C MET B 5 41.22 1.37 25.36
N ILE B 6 40.62 1.51 26.55
CA ILE B 6 40.00 0.38 27.22
C ILE B 6 38.68 0.06 26.50
N LEU B 7 37.87 1.08 26.21
CA LEU B 7 36.65 0.90 25.42
C LEU B 7 37.00 0.28 24.06
N LEU B 8 38.01 0.79 23.36
CA LEU B 8 38.39 0.22 22.09
C LEU B 8 38.67 -1.27 22.25
N LYS B 9 39.51 -1.59 23.24
CA LYS B 9 39.95 -2.96 23.47
C LYS B 9 38.73 -3.85 23.80
N GLU B 10 37.75 -3.30 24.52
CA GLU B 10 36.57 -4.09 24.89
C GLU B 10 35.69 -4.33 23.66
N LEU B 11 35.55 -3.29 22.81
CA LEU B 11 34.79 -3.43 21.58
C LEU B 11 35.46 -4.47 20.67
N LYS B 12 36.81 -4.52 20.68
CA LYS B 12 37.54 -5.47 19.85
C LYS B 12 37.27 -6.89 20.35
N GLU B 13 37.21 -7.05 21.68
CA GLU B 13 36.95 -8.37 22.28
C GLU B 13 35.53 -8.80 21.91
N LEU B 14 34.57 -7.89 22.04
CA LEU B 14 33.19 -8.20 21.73
C LEU B 14 33.05 -8.62 20.27
N PHE B 15 33.76 -7.95 19.35
CA PHE B 15 33.77 -8.34 17.95
C PHE B 15 34.24 -9.77 17.71
N PHE B 16 35.37 -10.18 18.34
CA PHE B 16 35.95 -11.50 18.17
CA PHE B 16 35.92 -11.50 18.14
C PHE B 16 34.97 -12.55 18.70
N LEU B 17 34.35 -12.28 19.87
CA LEU B 17 33.46 -13.22 20.54
C LEU B 17 32.14 -13.38 19.80
N ARG B 18 31.54 -12.25 19.37
CA ARG B 18 30.30 -12.26 18.59
C ARG B 18 30.50 -12.91 17.21
N THR B 19 31.67 -12.71 16.60
CA THR B 19 31.97 -13.44 15.38
C THR B 19 31.97 -14.95 15.70
N THR B 20 32.66 -15.35 16.77
CA THR B 20 32.77 -16.78 17.09
C THR B 20 31.36 -17.33 17.31
N TYR B 21 30.50 -16.53 17.94
CA TYR B 21 29.12 -16.92 18.20
C TYR B 21 28.32 -17.08 16.91
N TYR B 22 28.42 -16.10 16.00
CA TYR B 22 27.67 -16.13 14.76
C TYR B 22 28.19 -17.26 13.88
N LEU B 23 29.48 -17.55 13.93
CA LEU B 23 29.99 -18.64 13.14
C LEU B 23 29.35 -19.94 13.66
N LYS B 24 29.51 -20.24 14.96
CA LYS B 24 29.10 -21.53 15.52
C LYS B 24 27.60 -21.75 15.43
N LYS B 25 26.82 -20.71 15.74
CA LYS B 25 25.38 -20.84 15.86
CA LYS B 25 25.37 -20.86 15.85
C LYS B 25 24.68 -20.65 14.51
N TYR B 26 25.15 -19.69 13.69
CA TYR B 26 24.45 -19.35 12.44
C TYR B 26 25.33 -19.44 11.19
N ASN B 27 26.50 -20.10 11.27
CA ASN B 27 27.54 -20.18 10.24
CA ASN B 27 27.39 -20.25 10.13
C ASN B 27 27.53 -18.95 9.34
N ARG B 28 27.91 -17.83 9.98
CA ARG B 28 28.04 -16.58 9.24
C ARG B 28 28.90 -15.62 10.05
N SER B 29 29.50 -14.68 9.32
CA SER B 29 30.26 -13.55 9.84
C SER B 29 29.62 -12.29 9.28
N LEU B 30 29.32 -11.35 10.19
CA LEU B 30 28.48 -10.20 9.89
C LEU B 30 29.23 -8.94 10.30
N PRO B 31 28.82 -7.76 9.78
CA PRO B 31 29.34 -6.49 10.29
C PRO B 31 29.09 -6.35 11.79
N PHE B 32 29.95 -5.60 12.44
CA PHE B 32 29.79 -5.29 13.86
C PHE B 32 28.36 -4.85 14.20
N GLY B 33 27.82 -3.93 13.39
CA GLY B 33 26.50 -3.38 13.61
C GLY B 33 25.44 -4.48 13.60
N ASP B 34 25.64 -5.48 12.74
CA ASP B 34 24.66 -6.53 12.54
C ASP B 34 24.78 -7.59 13.64
N MET B 35 25.81 -7.50 14.48
CA MET B 35 25.98 -8.43 15.58
C MET B 35 25.57 -7.78 16.91
N ILE B 36 25.18 -6.50 16.87
CA ILE B 36 24.58 -5.81 17.99
CA ILE B 36 24.58 -5.80 17.98
C ILE B 36 23.06 -5.82 17.82
N VAL B 37 22.63 -5.42 16.61
CA VAL B 37 21.24 -5.18 16.28
C VAL B 37 20.68 -6.44 15.67
N ASP B 38 19.46 -6.80 16.12
CA ASP B 38 18.75 -8.00 15.70
C ASP B 38 17.76 -7.63 14.58
N ARG B 39 17.73 -8.43 13.51
CA ARG B 39 17.01 -8.10 12.29
C ARG B 39 15.50 -8.14 12.47
N TRP B 40 15.03 -9.04 13.35
CA TRP B 40 13.60 -9.22 13.59
C TRP B 40 13.09 -8.18 14.56
N ASP B 41 13.92 -7.80 15.53
CA ASP B 41 13.55 -6.77 16.47
C ASP B 41 13.51 -5.41 15.79
N LYS B 42 14.53 -5.09 14.97
CA LYS B 42 14.55 -3.83 14.23
C LYS B 42 13.26 -3.68 13.42
N ALA B 43 12.91 -4.73 12.67
CA ALA B 43 11.70 -4.78 11.86
C ALA B 43 10.44 -4.49 12.68
N LYS B 44 10.35 -5.08 13.89
CA LYS B 44 9.19 -4.87 14.75
C LYS B 44 9.14 -3.39 15.15
N LEU B 45 10.30 -2.90 15.60
CA LEU B 45 10.44 -1.55 16.12
C LEU B 45 10.06 -0.48 15.10
N LEU B 46 10.20 -0.78 13.80
CA LEU B 46 9.84 0.09 12.69
C LEU B 46 8.42 -0.18 12.22
N GLY B 47 7.73 -1.11 12.88
CA GLY B 47 6.30 -1.31 12.65
C GLY B 47 5.99 -2.22 11.46
N PHE B 48 6.96 -2.98 10.98
CA PHE B 48 6.75 -3.84 9.83
C PHE B 48 6.01 -5.10 10.26
N GLY B 49 5.44 -5.83 9.29
CA GLY B 49 4.73 -7.10 9.54
C GLY B 49 5.57 -8.13 10.30
N GLU B 50 4.88 -9.03 11.02
CA GLU B 50 5.56 -10.08 11.74
C GLU B 50 6.27 -10.97 10.72
N GLY B 51 7.46 -11.45 11.10
CA GLY B 51 8.24 -12.31 10.22
C GLY B 51 9.10 -11.51 9.24
N THR B 52 8.95 -10.18 9.23
CA THR B 52 9.78 -9.34 8.37
C THR B 52 11.09 -9.11 9.10
N SER B 53 12.20 -9.05 8.34
CA SER B 53 13.51 -8.84 8.91
C SER B 53 14.26 -7.75 8.14
N ILE B 54 15.15 -7.02 8.82
CA ILE B 54 15.89 -5.93 8.18
C ILE B 54 17.28 -5.82 8.81
N TYR B 55 18.31 -5.85 7.97
CA TYR B 55 19.67 -5.70 8.45
C TYR B 55 19.91 -4.32 9.04
N ASP B 56 20.90 -4.26 9.93
CA ASP B 56 21.34 -3.02 10.56
C ASP B 56 21.72 -2.00 9.48
N SER B 57 22.38 -2.46 8.39
CA SER B 57 22.97 -1.61 7.37
C SER B 57 21.94 -0.87 6.52
N SER B 58 20.67 -1.30 6.62
CA SER B 58 19.57 -0.72 5.86
C SER B 58 19.20 0.68 6.37
N ILE B 59 18.83 1.58 5.46
CA ILE B 59 18.31 2.88 5.82
C ILE B 59 16.82 2.96 5.46
N VAL B 60 16.00 3.43 6.41
CA VAL B 60 14.55 3.55 6.23
C VAL B 60 14.16 5.00 6.55
N LEU B 61 13.71 5.75 5.53
CA LEU B 61 13.40 7.17 5.68
C LEU B 61 11.90 7.39 5.51
N GLY B 62 11.32 8.21 6.39
CA GLY B 62 9.93 8.66 6.22
C GLY B 62 8.91 7.53 6.38
N GLU B 63 7.80 7.63 5.65
CA GLU B 63 6.69 6.70 5.75
C GLU B 63 6.95 5.45 4.89
N VAL B 64 7.24 4.34 5.58
CA VAL B 64 7.47 3.06 4.91
C VAL B 64 6.58 2.00 5.57
N LYS B 65 5.79 1.28 4.76
CA LYS B 65 5.05 0.14 5.28
C LYS B 65 5.55 -1.14 4.61
N VAL B 66 5.73 -2.19 5.42
CA VAL B 66 6.12 -3.52 4.95
C VAL B 66 5.19 -4.55 5.61
N GLY B 67 4.72 -5.50 4.80
CA GLY B 67 3.87 -6.59 5.26
C GLY B 67 4.67 -7.70 5.93
N LYS B 68 4.05 -8.90 6.04
CA LYS B 68 4.64 -9.99 6.81
C LYS B 68 5.67 -10.74 5.97
N ASP B 69 6.61 -11.39 6.63
CA ASP B 69 7.54 -12.34 6.03
C ASP B 69 8.23 -11.72 4.80
N THR B 70 8.64 -10.45 4.89
CA THR B 70 9.39 -9.80 3.83
C THR B 70 10.82 -9.67 4.32
N TRP B 71 11.76 -10.07 3.45
CA TRP B 71 13.17 -10.08 3.81
C TRP B 71 13.82 -8.84 3.23
N ILE B 72 14.30 -7.97 4.14
CA ILE B 72 14.99 -6.76 3.73
C ILE B 72 16.49 -6.92 3.97
N GLY B 73 17.23 -6.86 2.87
CA GLY B 73 18.61 -7.32 2.83
C GLY B 73 19.56 -6.21 3.29
N PRO B 74 20.88 -6.49 3.33
CA PRO B 74 21.84 -5.49 3.77
C PRO B 74 22.11 -4.44 2.70
N ASN B 75 22.49 -3.25 3.16
CA ASN B 75 22.96 -2.17 2.31
C ASN B 75 21.81 -1.73 1.41
N THR B 76 20.59 -1.80 1.94
CA THR B 76 19.40 -1.44 1.20
C THR B 76 18.97 -0.03 1.61
N ILE B 77 18.14 0.58 0.74
CA ILE B 77 17.55 1.90 0.96
C ILE B 77 16.05 1.78 0.75
N LEU B 78 15.29 2.08 1.81
CA LEU B 78 13.86 2.20 1.74
C LEU B 78 13.50 3.65 2.06
N ASP B 79 13.21 4.44 1.02
CA ASP B 79 13.00 5.87 1.16
C ASP B 79 11.55 6.19 0.86
N GLY B 80 10.77 6.44 1.93
CA GLY B 80 9.39 6.89 1.79
C GLY B 80 9.23 8.37 2.15
N SER B 81 10.34 9.11 2.14
CA SER B 81 10.34 10.54 2.44
C SER B 81 9.46 11.34 1.48
N GLY B 82 9.17 10.82 0.27
CA GLY B 82 8.54 11.62 -0.78
C GLY B 82 7.09 11.22 -1.09
N GLY B 83 6.33 10.90 -0.03
CA GLY B 83 4.93 10.55 -0.17
C GLY B 83 4.62 9.12 0.27
N GLY B 84 5.58 8.44 0.91
CA GLY B 84 5.32 7.13 1.47
C GLY B 84 5.73 5.99 0.52
N LEU B 85 6.33 4.97 1.10
CA LEU B 85 6.64 3.73 0.40
C LEU B 85 5.86 2.58 1.03
N ILE B 86 5.20 1.78 0.21
CA ILE B 86 4.45 0.64 0.72
C ILE B 86 4.97 -0.62 0.02
N ILE B 87 5.35 -1.63 0.82
CA ILE B 87 5.85 -2.89 0.29
C ILE B 87 5.00 -4.01 0.90
N GLY B 88 4.71 -5.05 0.12
CA GLY B 88 3.78 -6.09 0.54
C GLY B 88 4.45 -7.23 1.30
N SER B 89 3.80 -8.40 1.20
CA SER B 89 4.16 -9.61 1.93
C SER B 89 5.02 -10.54 1.10
N ASN B 90 5.88 -11.31 1.79
CA ASN B 90 6.72 -12.37 1.22
C ASN B 90 7.68 -11.86 0.14
N CYS B 91 8.05 -10.58 0.22
CA CYS B 91 8.98 -10.03 -0.74
C CYS B 91 10.42 -10.32 -0.35
N SER B 92 11.25 -10.52 -1.37
CA SER B 92 12.70 -10.56 -1.27
C SER B 92 13.29 -9.22 -1.74
N ILE B 93 13.80 -8.44 -0.81
CA ILE B 93 14.52 -7.21 -1.13
C ILE B 93 16.01 -7.49 -0.99
N SER B 94 16.66 -7.82 -2.11
CA SER B 94 18.04 -8.28 -2.10
C SER B 94 18.99 -7.17 -1.64
N ALA B 95 20.18 -7.62 -1.24
CA ALA B 95 21.32 -6.76 -0.92
C ALA B 95 21.47 -5.64 -1.94
N GLY B 96 21.59 -4.41 -1.43
CA GLY B 96 21.94 -3.26 -2.26
C GLY B 96 20.78 -2.72 -3.09
N VAL B 97 19.57 -3.30 -2.93
CA VAL B 97 18.37 -2.73 -3.54
C VAL B 97 18.10 -1.36 -2.94
N GLN B 98 17.73 -0.40 -3.80
CA GLN B 98 17.43 0.97 -3.38
C GLN B 98 16.06 1.38 -3.93
N ILE B 99 15.19 1.84 -3.02
CA ILE B 99 13.82 2.20 -3.37
C ILE B 99 13.54 3.62 -2.91
N TYR B 100 13.10 4.45 -3.85
CA TYR B 100 13.05 5.90 -3.68
C TYR B 100 11.65 6.46 -3.94
N THR B 101 11.36 7.52 -3.19
CA THR B 101 10.20 8.35 -3.43
C THR B 101 10.59 9.81 -3.67
N HIS B 102 11.89 10.12 -3.86
CA HIS B 102 12.28 11.49 -4.14
C HIS B 102 13.50 11.49 -5.07
N ASP B 103 13.83 12.70 -5.58
CA ASP B 103 14.94 12.91 -6.50
C ASP B 103 15.45 14.34 -6.32
N THR B 104 16.75 14.54 -6.59
CA THR B 104 17.43 15.80 -6.38
C THR B 104 18.21 16.22 -7.63
N VAL B 105 17.80 15.77 -8.81
CA VAL B 105 18.56 16.09 -10.01
C VAL B 105 18.44 17.58 -10.34
N ARG B 106 17.21 18.11 -10.40
CA ARG B 106 17.02 19.53 -10.65
C ARG B 106 17.66 20.36 -9.55
N LYS B 107 17.53 19.94 -8.30
CA LYS B 107 18.12 20.70 -7.21
C LYS B 107 19.63 20.87 -7.41
N SER B 108 20.34 19.80 -7.80
CA SER B 108 21.78 19.90 -8.00
C SER B 108 22.06 20.70 -9.26
N LEU B 109 21.44 20.33 -10.39
CA LEU B 109 21.80 20.92 -11.67
C LEU B 109 21.50 22.42 -11.69
N SER B 110 20.60 22.88 -10.81
CA SER B 110 20.23 24.27 -10.75
C SER B 110 21.10 25.02 -9.74
N GLY B 111 22.06 24.36 -9.10
CA GLY B 111 22.91 25.03 -8.14
C GLY B 111 22.18 25.24 -6.81
N GLY B 112 21.24 24.34 -6.50
CA GLY B 112 20.57 24.34 -5.21
C GLY B 112 19.23 25.11 -5.19
N LYS B 113 18.77 25.57 -6.35
CA LYS B 113 17.60 26.42 -6.43
C LYS B 113 16.32 25.58 -6.43
N ALA B 114 16.19 24.64 -7.36
CA ALA B 114 14.95 23.91 -7.55
C ALA B 114 14.65 23.03 -6.33
N ASP B 115 13.35 22.80 -6.13
CA ASP B 115 12.87 21.93 -5.07
C ASP B 115 13.29 20.47 -5.31
N ILE B 116 13.19 19.67 -4.24
CA ILE B 116 13.23 18.22 -4.32
C ILE B 116 11.96 17.75 -5.03
N ASP B 117 12.07 16.80 -5.94
CA ASP B 117 10.89 16.23 -6.58
C ASP B 117 10.49 14.99 -5.76
N LYS B 118 9.17 14.79 -5.61
CA LYS B 118 8.65 13.73 -4.74
C LYS B 118 7.49 13.02 -5.41
N ALA B 119 7.40 11.71 -5.16
CA ALA B 119 6.26 10.92 -5.57
C ALA B 119 6.33 9.57 -4.85
N SER B 120 5.14 9.09 -4.44
CA SER B 120 5.04 7.87 -3.66
C SER B 120 5.34 6.66 -4.54
N THR B 121 5.71 5.56 -3.88
CA THR B 121 6.09 4.31 -4.50
C THR B 121 5.43 3.15 -3.75
N ARG B 122 5.03 2.13 -4.50
CA ARG B 122 4.37 0.96 -3.92
C ARG B 122 4.80 -0.30 -4.64
N ILE B 123 5.05 -1.35 -3.85
CA ILE B 123 5.35 -2.67 -4.36
C ILE B 123 4.36 -3.65 -3.72
N GLY B 124 3.88 -4.58 -4.53
CA GLY B 124 2.93 -5.59 -4.11
C GLY B 124 3.56 -6.71 -3.28
N SER B 125 2.88 -7.85 -3.28
CA SER B 125 3.26 -8.99 -2.47
C SER B 125 3.89 -10.03 -3.38
N ASP B 126 4.67 -10.95 -2.80
CA ASP B 126 5.16 -12.09 -3.54
C ASP B 126 6.03 -11.58 -4.69
N CYS B 127 6.80 -10.51 -4.40
CA CYS B 127 7.74 -9.93 -5.33
C CYS B 127 9.17 -10.28 -4.94
N TYR B 128 10.02 -10.30 -5.97
CA TYR B 128 11.44 -10.51 -5.81
C TYR B 128 12.19 -9.38 -6.49
N LEU B 129 13.07 -8.72 -5.72
CA LEU B 129 13.84 -7.59 -6.22
C LEU B 129 15.30 -8.02 -6.11
N GLY B 130 15.86 -8.34 -7.28
CA GLY B 130 17.22 -8.83 -7.36
C GLY B 130 18.26 -7.84 -6.88
N PRO B 131 19.47 -8.32 -6.55
CA PRO B 131 20.59 -7.48 -6.11
C PRO B 131 20.81 -6.20 -6.92
N ASN B 132 20.93 -5.07 -6.22
CA ASN B 132 21.31 -3.79 -6.82
C ASN B 132 20.22 -3.25 -7.75
N THR B 133 18.96 -3.68 -7.54
CA THR B 133 17.85 -3.07 -8.22
C THR B 133 17.66 -1.67 -7.68
N ILE B 134 17.42 -0.72 -8.59
CA ILE B 134 17.05 0.64 -8.25
C ILE B 134 15.61 0.84 -8.68
N ILE B 135 14.75 1.32 -7.75
CA ILE B 135 13.36 1.69 -8.02
C ILE B 135 13.21 3.18 -7.75
N VAL B 136 12.74 3.93 -8.75
CA VAL B 136 12.65 5.37 -8.64
C VAL B 136 11.25 5.75 -8.16
N LYS B 137 11.07 7.03 -7.87
CA LYS B 137 9.84 7.57 -7.31
C LYS B 137 8.72 7.40 -8.33
N GLY B 138 7.49 7.30 -7.80
CA GLY B 138 6.30 7.27 -8.62
C GLY B 138 6.03 5.90 -9.25
N VAL B 139 6.83 4.89 -8.91
CA VAL B 139 6.68 3.59 -9.51
C VAL B 139 5.68 2.75 -8.71
N LYS B 140 4.77 2.07 -9.43
CA LYS B 140 3.90 1.07 -8.84
C LYS B 140 4.35 -0.30 -9.34
N ILE B 141 4.68 -1.22 -8.42
CA ILE B 141 4.94 -2.60 -8.86
C ILE B 141 3.82 -3.51 -8.36
N GLY B 142 3.21 -4.23 -9.30
CA GLY B 142 2.12 -5.16 -9.00
C GLY B 142 2.58 -6.34 -8.16
N ASP B 143 1.73 -7.37 -8.08
CA ASP B 143 2.05 -8.53 -7.27
C ASP B 143 2.78 -9.56 -8.12
N ARG B 144 3.54 -10.42 -7.44
CA ARG B 144 4.13 -11.59 -8.06
C ARG B 144 4.96 -11.14 -9.25
N VAL B 145 5.80 -10.12 -8.98
CA VAL B 145 6.75 -9.57 -9.95
C VAL B 145 8.16 -9.99 -9.55
N VAL B 146 8.95 -10.29 -10.59
CA VAL B 146 10.39 -10.51 -10.52
C VAL B 146 11.10 -9.34 -11.18
N VAL B 147 11.95 -8.64 -10.44
CA VAL B 147 12.86 -7.67 -11.03
C VAL B 147 14.26 -8.25 -10.94
N GLY B 148 14.86 -8.58 -12.10
CA GLY B 148 16.21 -9.09 -12.17
C GLY B 148 17.24 -8.10 -11.61
N ALA B 149 18.38 -8.67 -11.20
CA ALA B 149 19.50 -7.93 -10.64
C ALA B 149 19.96 -6.80 -11.57
N ASN B 150 20.44 -5.72 -10.93
CA ASN B 150 21.08 -4.60 -11.62
C ASN B 150 20.07 -3.76 -12.38
N SER B 151 18.76 -3.94 -12.17
CA SER B 151 17.81 -3.20 -12.98
C SER B 151 17.61 -1.78 -12.45
N LEU B 152 17.12 -0.92 -13.34
CA LEU B 152 16.67 0.41 -12.99
C LEU B 152 15.22 0.55 -13.45
N VAL B 153 14.30 0.60 -12.49
CA VAL B 153 12.88 0.58 -12.81
C VAL B 153 12.38 2.01 -12.81
N LEU B 154 11.92 2.47 -13.98
CA LEU B 154 11.51 3.84 -14.21
C LEU B 154 9.99 3.96 -14.38
N LYS B 155 9.30 2.81 -14.56
CA LYS B 155 7.85 2.85 -14.76
C LYS B 155 7.18 1.66 -14.08
N ASP B 156 5.84 1.78 -14.00
CA ASP B 156 4.99 0.76 -13.42
C ASP B 156 5.27 -0.60 -14.04
N ILE B 157 5.14 -1.64 -13.23
CA ILE B 157 5.17 -3.01 -13.73
C ILE B 157 3.90 -3.73 -13.29
N PRO B 158 3.15 -4.33 -14.27
CA PRO B 158 1.97 -5.11 -13.94
C PRO B 158 2.33 -6.38 -13.16
N SER B 159 1.33 -6.91 -12.44
CA SER B 159 1.42 -8.17 -11.73
C SER B 159 1.84 -9.30 -12.65
N ASP B 160 2.52 -10.32 -12.08
CA ASP B 160 2.92 -11.53 -12.78
C ASP B 160 3.83 -11.24 -13.95
N CYS B 161 4.70 -10.22 -13.80
CA CYS B 161 5.67 -9.92 -14.84
C CYS B 161 7.08 -10.14 -14.31
N LYS B 162 7.96 -10.52 -15.24
CA LYS B 162 9.40 -10.52 -15.06
C LYS B 162 9.99 -9.37 -15.86
N VAL B 163 10.77 -8.50 -15.20
CA VAL B 163 11.47 -7.41 -15.88
C VAL B 163 12.94 -7.43 -15.50
N PHE B 164 13.76 -6.87 -16.39
CA PHE B 164 15.12 -6.52 -16.02
C PHE B 164 15.70 -5.55 -17.03
N GLY B 165 16.85 -4.97 -16.63
CA GLY B 165 17.61 -4.06 -17.46
C GLY B 165 17.68 -2.67 -16.87
N SER B 166 18.52 -1.83 -17.51
CA SER B 166 18.58 -0.40 -17.24
C SER B 166 18.37 0.34 -18.55
N PRO B 167 17.15 0.85 -18.88
CA PRO B 167 15.97 0.77 -18.00
C PRO B 167 15.31 -0.60 -18.05
N ALA B 168 14.60 -0.97 -16.98
CA ALA B 168 13.92 -2.26 -16.92
C ALA B 168 12.81 -2.33 -17.96
N VAL B 169 12.73 -3.45 -18.70
CA VAL B 169 11.64 -3.67 -19.65
C VAL B 169 10.95 -5.01 -19.33
N ILE B 170 9.69 -5.14 -19.76
CA ILE B 170 8.96 -6.38 -19.54
C ILE B 170 9.51 -7.46 -20.47
N ILE B 171 10.00 -8.54 -19.87
CA ILE B 171 10.63 -9.62 -20.61
C ILE B 171 9.58 -10.70 -20.95
N THR B 172 8.78 -11.07 -19.95
CA THR B 172 7.73 -12.07 -20.11
C THR B 172 6.94 -12.12 -18.80
N ASP B 173 6.18 -13.19 -18.58
CA ASP B 173 5.45 -13.32 -17.33
C ASP B 173 6.34 -14.04 -16.32
N SER B 174 5.93 -14.01 -15.05
CA SER B 174 6.62 -14.66 -13.95
C SER B 174 5.92 -15.95 -13.50
N LEU B 175 5.03 -16.52 -14.32
CA LEU B 175 4.22 -17.66 -13.88
C LEU B 175 5.09 -18.87 -13.53
N ASN B 176 6.18 -19.10 -14.27
CA ASN B 176 7.05 -20.25 -14.02
C ASN B 176 7.55 -20.29 -12.59
N TYR B 177 7.92 -19.13 -12.04
CA TYR B 177 8.52 -19.09 -10.72
C TYR B 177 7.48 -19.38 -9.63
N GLN B 178 6.20 -19.32 -10.03
CA GLN B 178 5.09 -19.52 -9.12
C GLN B 178 4.71 -20.99 -9.01
N ARG B 179 5.31 -21.87 -9.85
CA ARG B 179 5.05 -23.30 -9.80
C ARG B 179 6.33 -24.09 -9.48
N GLY C 3 24.18 6.05 32.22
CA GLY C 3 24.76 4.94 31.44
C GLY C 3 24.73 5.23 29.94
N HIS C 4 23.53 5.54 29.42
CA HIS C 4 23.28 5.56 27.98
C HIS C 4 23.89 6.81 27.35
N MET C 5 23.56 7.99 27.89
CA MET C 5 24.19 9.25 27.54
C MET C 5 25.72 9.13 27.54
N ILE C 6 26.24 8.51 28.61
CA ILE C 6 27.68 8.37 28.82
C ILE C 6 28.28 7.51 27.72
N LEU C 7 27.78 6.28 27.55
CA LEU C 7 28.35 5.35 26.56
C LEU C 7 28.33 5.99 25.17
N LEU C 8 27.20 6.62 24.81
CA LEU C 8 27.09 7.39 23.59
C LEU C 8 28.24 8.40 23.48
N LYS C 9 28.47 9.14 24.56
CA LYS C 9 29.44 10.23 24.57
C LYS C 9 30.84 9.65 24.37
N GLU C 10 31.13 8.49 24.98
CA GLU C 10 32.42 7.84 24.88
C GLU C 10 32.63 7.22 23.50
N LEU C 11 31.55 6.70 22.89
CA LEU C 11 31.66 6.11 21.55
C LEU C 11 31.99 7.22 20.55
N LYS C 12 31.36 8.40 20.74
CA LYS C 12 31.67 9.57 19.94
CA LYS C 12 31.67 9.57 19.94
C LYS C 12 33.13 9.97 20.13
N GLU C 13 33.57 10.10 21.39
CA GLU C 13 34.96 10.48 21.65
C GLU C 13 35.91 9.51 20.94
N LEU C 14 35.64 8.20 21.08
CA LEU C 14 36.48 7.19 20.47
C LEU C 14 36.49 7.36 18.95
N PHE C 15 35.31 7.65 18.37
CA PHE C 15 35.27 7.85 16.93
C PHE C 15 36.19 8.99 16.52
N PHE C 16 36.08 10.16 17.18
CA PHE C 16 36.90 11.31 16.86
CA PHE C 16 36.91 11.31 16.84
C PHE C 16 38.39 10.96 16.97
N LEU C 17 38.76 10.26 18.04
CA LEU C 17 40.15 9.90 18.27
C LEU C 17 40.66 8.89 17.24
N ARG C 18 39.82 7.91 16.87
CA ARG C 18 40.23 6.91 15.89
C ARG C 18 40.32 7.52 14.49
N THR C 19 39.36 8.36 14.12
CA THR C 19 39.41 9.06 12.85
C THR C 19 40.73 9.81 12.73
N THR C 20 41.06 10.56 13.80
CA THR C 20 42.25 11.38 13.84
C THR C 20 43.48 10.50 13.59
N TYR C 21 43.51 9.32 14.21
CA TYR C 21 44.66 8.41 14.09
C TYR C 21 44.73 7.78 12.70
N TYR C 22 43.58 7.37 12.15
CA TYR C 22 43.56 6.79 10.81
C TYR C 22 43.96 7.84 9.77
N LEU C 23 43.54 9.09 9.95
CA LEU C 23 43.83 10.14 9.00
C LEU C 23 45.34 10.39 8.93
N LYS C 24 45.99 10.43 10.10
CA LYS C 24 47.42 10.67 10.18
C LYS C 24 48.21 9.45 9.72
N LYS C 25 47.79 8.25 10.11
CA LYS C 25 48.66 7.11 9.95
C LYS C 25 48.40 6.35 8.65
N TYR C 26 47.16 6.35 8.17
CA TYR C 26 46.79 5.58 6.98
C TYR C 26 46.07 6.46 5.96
N ASN C 27 46.12 7.79 6.13
CA ASN C 27 45.38 8.74 5.33
C ASN C 27 44.02 8.16 4.92
N ARG C 28 43.13 7.90 5.88
CA ARG C 28 41.77 7.53 5.54
C ARG C 28 40.81 7.83 6.69
N SER C 29 39.55 7.99 6.32
CA SER C 29 38.43 8.03 7.24
C SER C 29 37.51 6.86 6.90
N LEU C 30 37.15 6.09 7.92
CA LEU C 30 36.47 4.83 7.76
C LEU C 30 35.16 4.86 8.54
N PRO C 31 34.18 4.01 8.20
CA PRO C 31 33.01 3.82 9.06
C PRO C 31 33.41 3.39 10.48
N PHE C 32 32.59 3.79 11.46
CA PHE C 32 32.77 3.38 12.85
C PHE C 32 33.25 1.93 12.98
N GLY C 33 32.48 0.99 12.42
CA GLY C 33 32.76 -0.43 12.52
C GLY C 33 34.12 -0.84 11.96
N ASP C 34 34.58 -0.13 10.91
CA ASP C 34 35.87 -0.43 10.28
C ASP C 34 37.02 0.18 11.07
N MET C 35 36.74 0.93 12.13
CA MET C 35 37.81 1.44 12.97
C MET C 35 37.87 0.68 14.30
N ILE C 36 37.06 -0.37 14.43
CA ILE C 36 37.14 -1.35 15.51
C ILE C 36 37.80 -2.61 14.95
N VAL C 37 37.28 -3.05 13.80
CA VAL C 37 37.58 -4.34 13.22
C VAL C 37 38.82 -4.19 12.34
N ASP C 38 39.84 -5.02 12.55
CA ASP C 38 41.02 -5.05 11.69
C ASP C 38 40.80 -6.03 10.54
N ARG C 39 41.12 -5.60 9.31
CA ARG C 39 40.72 -6.36 8.13
C ARG C 39 41.49 -7.68 8.06
N TRP C 40 42.70 -7.75 8.62
CA TRP C 40 43.53 -8.93 8.48
C TRP C 40 43.19 -9.95 9.58
N ASP C 41 42.92 -9.46 10.79
CA ASP C 41 42.42 -10.29 11.88
C ASP C 41 41.07 -10.92 11.54
N LYS C 42 40.15 -10.14 10.94
CA LYS C 42 38.83 -10.67 10.65
C LYS C 42 38.99 -11.81 9.63
N ALA C 43 39.84 -11.57 8.60
CA ALA C 43 40.09 -12.61 7.61
C ALA C 43 40.66 -13.89 8.25
N LYS C 44 41.58 -13.71 9.20
CA LYS C 44 42.27 -14.82 9.82
C LYS C 44 41.24 -15.66 10.58
N LEU C 45 40.42 -14.98 11.37
CA LEU C 45 39.38 -15.61 12.16
C LEU C 45 38.41 -16.39 11.26
N LEU C 46 38.15 -15.90 10.03
CA LEU C 46 37.21 -16.54 9.14
C LEU C 46 37.87 -17.73 8.43
N GLY C 47 39.17 -17.93 8.66
CA GLY C 47 39.90 -19.09 8.15
C GLY C 47 40.50 -18.87 6.76
N PHE C 48 40.54 -17.60 6.32
CA PHE C 48 41.01 -17.24 4.99
C PHE C 48 42.53 -17.33 4.97
N GLY C 49 43.12 -17.43 3.78
CA GLY C 49 44.55 -17.60 3.63
C GLY C 49 45.34 -16.36 4.02
N GLU C 50 46.64 -16.56 4.23
CA GLU C 50 47.53 -15.52 4.73
C GLU C 50 47.53 -14.35 3.74
N GLY C 51 47.45 -13.12 4.27
CA GLY C 51 47.52 -11.91 3.46
C GLY C 51 46.14 -11.45 2.92
N THR C 52 45.10 -12.24 3.19
CA THR C 52 43.75 -11.87 2.79
C THR C 52 43.23 -10.83 3.79
N SER C 53 42.39 -9.91 3.30
CA SER C 53 41.80 -8.87 4.12
C SER C 53 40.32 -8.79 3.80
N ILE C 54 39.51 -8.41 4.80
CA ILE C 54 38.09 -8.23 4.55
C ILE C 54 37.60 -7.10 5.43
N TYR C 55 36.82 -6.20 4.85
CA TYR C 55 36.21 -5.09 5.58
C TYR C 55 35.15 -5.61 6.56
N ASP C 56 34.87 -4.80 7.57
CA ASP C 56 33.80 -5.07 8.53
C ASP C 56 32.46 -5.21 7.82
N SER C 57 32.22 -4.35 6.82
CA SER C 57 30.91 -4.22 6.18
C SER C 57 30.55 -5.43 5.32
N SER C 58 31.49 -6.36 5.13
CA SER C 58 31.27 -7.56 4.35
C SER C 58 30.41 -8.56 5.12
N ILE C 59 29.61 -9.35 4.40
CA ILE C 59 28.87 -10.48 4.97
C ILE C 59 29.37 -11.78 4.35
N VAL C 60 29.67 -12.77 5.20
CA VAL C 60 30.13 -14.09 4.74
C VAL C 60 29.18 -15.17 5.29
N LEU C 61 28.43 -15.85 4.42
CA LEU C 61 27.50 -16.89 4.85
C LEU C 61 28.07 -18.27 4.53
N GLY C 62 27.88 -19.24 5.44
CA GLY C 62 28.09 -20.64 5.12
C GLY C 62 29.57 -20.97 4.95
N GLU C 63 29.85 -21.95 4.09
CA GLU C 63 31.20 -22.37 3.83
C GLU C 63 31.80 -21.47 2.74
N VAL C 64 32.81 -20.68 3.13
CA VAL C 64 33.56 -19.85 2.20
C VAL C 64 35.04 -20.13 2.44
N LYS C 65 35.74 -20.52 1.37
CA LYS C 65 37.17 -20.69 1.40
C LYS C 65 37.77 -19.63 0.48
N VAL C 66 38.78 -18.94 1.00
CA VAL C 66 39.52 -17.91 0.30
C VAL C 66 41.02 -18.17 0.44
N GLY C 67 41.73 -18.15 -0.71
CA GLY C 67 43.17 -18.32 -0.77
C GLY C 67 43.96 -17.17 -0.15
N LYS C 68 45.27 -17.18 -0.39
CA LYS C 68 46.17 -16.13 0.10
C LYS C 68 46.03 -14.84 -0.70
N ASP C 69 46.29 -13.72 -0.02
CA ASP C 69 46.52 -12.42 -0.65
C ASP C 69 45.32 -11.98 -1.46
N THR C 70 44.11 -12.32 -1.00
CA THR C 70 42.89 -11.87 -1.65
C THR C 70 42.31 -10.71 -0.86
N TRP C 71 41.96 -9.63 -1.57
CA TRP C 71 41.45 -8.40 -0.98
C TRP C 71 39.93 -8.41 -1.13
N ILE C 72 39.24 -8.44 -0.01
CA ILE C 72 37.78 -8.46 0.00
C ILE C 72 37.30 -7.11 0.49
N GLY C 73 36.59 -6.40 -0.40
CA GLY C 73 36.30 -4.99 -0.21
C GLY C 73 35.06 -4.75 0.64
N PRO C 74 34.68 -3.48 0.85
CA PRO C 74 33.48 -3.16 1.62
C PRO C 74 32.19 -3.44 0.87
N ASN C 75 31.11 -3.61 1.64
CA ASN C 75 29.76 -3.73 1.09
C ASN C 75 29.67 -4.95 0.18
N THR C 76 30.49 -5.98 0.48
CA THR C 76 30.50 -7.21 -0.31
C THR C 76 29.63 -8.29 0.34
N ILE C 77 29.20 -9.25 -0.50
CA ILE C 77 28.47 -10.44 -0.06
C ILE C 77 29.22 -11.66 -0.56
N LEU C 78 29.70 -12.53 0.36
CA LEU C 78 30.28 -13.81 -0.02
C LEU C 78 29.36 -14.90 0.51
N ASP C 79 28.43 -15.36 -0.33
CA ASP C 79 27.40 -16.30 0.12
C ASP C 79 27.77 -17.72 -0.31
N GLY C 80 28.31 -18.51 0.63
CA GLY C 80 28.54 -19.93 0.43
C GLY C 80 27.49 -20.84 1.08
N SER C 81 26.27 -20.34 1.31
CA SER C 81 25.27 -21.08 2.08
C SER C 81 24.66 -22.24 1.30
N GLY C 82 24.71 -22.19 -0.05
CA GLY C 82 24.07 -23.20 -0.87
C GLY C 82 25.07 -24.19 -1.46
N GLY C 83 25.99 -24.70 -0.64
CA GLY C 83 26.87 -25.77 -1.07
C GLY C 83 28.32 -25.30 -1.29
N GLY C 84 28.64 -24.11 -0.78
CA GLY C 84 30.03 -23.71 -0.67
C GLY C 84 30.45 -22.75 -1.78
N LEU C 85 31.18 -21.74 -1.35
CA LEU C 85 31.84 -20.78 -2.22
C LEU C 85 33.33 -20.93 -2.02
N ILE C 86 34.06 -21.02 -3.13
CA ILE C 86 35.51 -21.17 -3.11
C ILE C 86 36.10 -20.06 -3.96
N ILE C 87 37.12 -19.39 -3.39
CA ILE C 87 37.79 -18.28 -4.03
C ILE C 87 39.29 -18.48 -3.86
N GLY C 88 40.02 -18.20 -4.94
CA GLY C 88 41.46 -18.43 -5.01
C GLY C 88 42.27 -17.29 -4.43
N SER C 89 43.56 -17.30 -4.79
CA SER C 89 44.55 -16.40 -4.23
CA SER C 89 44.57 -16.42 -4.24
C SER C 89 44.70 -15.17 -5.11
N ASN C 90 45.12 -14.06 -4.50
CA ASN C 90 45.47 -12.84 -5.23
C ASN C 90 44.29 -12.25 -6.00
N CYS C 91 43.06 -12.44 -5.49
CA CYS C 91 41.87 -11.93 -6.14
C CYS C 91 41.54 -10.54 -5.60
N SER C 92 41.07 -9.64 -6.49
CA SER C 92 40.45 -8.38 -6.09
C SER C 92 38.92 -8.55 -6.08
N ILE C 93 38.30 -8.50 -4.91
CA ILE C 93 36.84 -8.49 -4.81
C ILE C 93 36.45 -7.07 -4.43
N SER C 94 36.16 -6.26 -5.46
CA SER C 94 35.92 -4.84 -5.27
C SER C 94 34.70 -4.60 -4.40
N ALA C 95 34.60 -3.35 -3.93
CA ALA C 95 33.43 -2.86 -3.22
C ALA C 95 32.13 -3.23 -3.95
N GLY C 96 31.11 -3.64 -3.16
CA GLY C 96 29.79 -3.88 -3.69
C GLY C 96 29.62 -5.23 -4.40
N VAL C 97 30.69 -6.03 -4.57
CA VAL C 97 30.58 -7.30 -5.25
C VAL C 97 29.77 -8.27 -4.38
N GLN C 98 28.80 -8.95 -5.02
CA GLN C 98 27.98 -9.95 -4.36
C GLN C 98 28.13 -11.27 -5.12
N ILE C 99 28.47 -12.35 -4.37
CA ILE C 99 28.70 -13.68 -4.91
C ILE C 99 27.79 -14.67 -4.18
N TYR C 100 26.95 -15.38 -4.93
CA TYR C 100 25.86 -16.17 -4.35
C TYR C 100 25.97 -17.65 -4.71
N THR C 101 25.42 -18.45 -3.79
CA THR C 101 25.18 -19.87 -3.99
C THR C 101 23.74 -20.25 -3.66
N HIS C 102 22.86 -19.25 -3.54
CA HIS C 102 21.45 -19.52 -3.29
C HIS C 102 20.61 -18.42 -3.95
N ASP C 103 19.30 -18.66 -4.01
CA ASP C 103 18.38 -17.70 -4.58
C ASP C 103 16.96 -18.02 -4.06
N THR C 104 16.13 -16.98 -3.91
CA THR C 104 14.79 -17.10 -3.32
C THR C 104 13.70 -16.62 -4.28
N VAL C 105 13.91 -16.69 -5.60
CA VAL C 105 12.92 -16.16 -6.52
C VAL C 105 11.62 -16.95 -6.41
N ARG C 106 11.73 -18.28 -6.45
CA ARG C 106 10.56 -19.15 -6.41
C ARG C 106 9.90 -18.98 -5.03
N LYS C 107 10.69 -18.89 -3.95
CA LYS C 107 10.11 -18.78 -2.62
C LYS C 107 9.22 -17.54 -2.47
N SER C 108 9.65 -16.37 -2.97
CA SER C 108 8.84 -15.16 -2.92
C SER C 108 7.63 -15.24 -3.86
N LEU C 109 7.86 -15.69 -5.09
CA LEU C 109 6.85 -15.63 -6.13
C LEU C 109 5.72 -16.63 -5.84
N SER C 110 6.01 -17.62 -4.98
CA SER C 110 5.07 -18.65 -4.56
C SER C 110 4.46 -18.33 -3.20
N GLY C 111 4.65 -17.12 -2.69
CA GLY C 111 4.05 -16.70 -1.43
C GLY C 111 4.67 -17.37 -0.21
N GLY C 112 5.97 -17.74 -0.31
CA GLY C 112 6.70 -18.35 0.78
C GLY C 112 6.66 -19.89 0.74
N LYS C 113 6.06 -20.47 -0.30
CA LYS C 113 5.85 -21.91 -0.37
C LYS C 113 7.12 -22.63 -0.78
N ALA C 114 7.67 -22.29 -1.96
CA ALA C 114 8.78 -23.01 -2.59
C ALA C 114 10.06 -22.99 -1.74
N ASP C 115 10.88 -24.05 -1.92
CA ASP C 115 12.19 -24.13 -1.28
C ASP C 115 13.14 -23.06 -1.84
N ILE C 116 14.23 -22.83 -1.11
CA ILE C 116 15.36 -22.01 -1.53
C ILE C 116 16.19 -22.80 -2.53
N ASP C 117 16.55 -22.20 -3.67
CA ASP C 117 17.32 -22.93 -4.68
C ASP C 117 18.82 -22.76 -4.39
N LYS C 118 19.63 -23.77 -4.69
CA LYS C 118 21.02 -23.78 -4.26
C LYS C 118 21.95 -24.39 -5.31
N ALA C 119 23.17 -23.84 -5.37
CA ALA C 119 24.22 -24.37 -6.23
C ALA C 119 25.53 -23.68 -5.84
N SER C 120 26.58 -24.50 -5.63
CA SER C 120 27.90 -24.03 -5.28
C SER C 120 28.52 -23.19 -6.41
N THR C 121 29.43 -22.32 -6.02
CA THR C 121 30.05 -21.36 -6.90
C THR C 121 31.56 -21.37 -6.66
N ARG C 122 32.33 -21.15 -7.74
CA ARG C 122 33.78 -21.27 -7.65
C ARG C 122 34.45 -20.16 -8.45
N ILE C 123 35.52 -19.61 -7.88
CA ILE C 123 36.32 -18.58 -8.52
C ILE C 123 37.79 -18.95 -8.33
N GLY C 124 38.57 -18.92 -9.42
CA GLY C 124 39.96 -19.32 -9.35
C GLY C 124 40.84 -18.23 -8.73
N SER C 125 42.14 -18.29 -9.03
CA SER C 125 43.14 -17.34 -8.54
C SER C 125 43.42 -16.26 -9.58
N ASP C 126 44.10 -15.19 -9.16
CA ASP C 126 44.52 -14.11 -10.03
C ASP C 126 43.33 -13.49 -10.78
N CYS C 127 42.18 -13.40 -10.11
CA CYS C 127 40.99 -12.81 -10.71
C CYS C 127 40.69 -11.43 -10.16
N TYR C 128 40.13 -10.57 -11.03
CA TYR C 128 39.64 -9.25 -10.64
C TYR C 128 38.12 -9.20 -10.86
N LEU C 129 37.38 -8.87 -9.80
CA LEU C 129 35.95 -8.64 -9.90
C LEU C 129 35.69 -7.16 -9.62
N GLY C 130 35.24 -6.46 -10.67
CA GLY C 130 35.07 -5.02 -10.62
C GLY C 130 33.90 -4.60 -9.74
N PRO C 131 33.85 -3.31 -9.33
CA PRO C 131 32.76 -2.78 -8.52
C PRO C 131 31.37 -3.25 -8.90
N ASN C 132 30.60 -3.71 -7.91
CA ASN C 132 29.20 -4.07 -8.08
C ASN C 132 29.00 -5.27 -9.00
N THR C 133 30.04 -6.07 -9.29
CA THR C 133 29.81 -7.35 -9.95
C THR C 133 28.89 -8.25 -9.12
N ILE C 134 27.88 -8.82 -9.80
CA ILE C 134 27.03 -9.84 -9.20
C ILE C 134 27.31 -11.21 -9.83
N ILE C 135 27.70 -12.21 -9.01
CA ILE C 135 27.95 -13.57 -9.47
C ILE C 135 26.86 -14.47 -8.88
N VAL C 136 26.12 -15.21 -9.76
CA VAL C 136 24.98 -16.00 -9.30
C VAL C 136 25.41 -17.44 -9.00
N LYS C 137 24.50 -18.18 -8.38
CA LYS C 137 24.76 -19.53 -7.93
C LYS C 137 25.09 -20.44 -9.10
N GLY C 138 26.02 -21.36 -8.88
CA GLY C 138 26.29 -22.40 -9.85
C GLY C 138 27.41 -22.02 -10.82
N VAL C 139 27.88 -20.78 -10.74
CA VAL C 139 28.87 -20.27 -11.67
C VAL C 139 30.25 -20.80 -11.29
N LYS C 140 31.04 -21.10 -12.32
CA LYS C 140 32.46 -21.40 -12.16
C LYS C 140 33.27 -20.39 -12.97
N ILE C 141 34.09 -19.63 -12.25
CA ILE C 141 34.99 -18.69 -12.89
C ILE C 141 36.39 -19.27 -12.81
N GLY C 142 37.09 -19.33 -13.95
CA GLY C 142 38.44 -19.88 -14.02
C GLY C 142 39.50 -19.00 -13.38
N ASP C 143 40.78 -19.21 -13.76
CA ASP C 143 41.89 -18.42 -13.24
C ASP C 143 42.18 -17.26 -14.19
N ARG C 144 42.69 -16.16 -13.62
CA ARG C 144 43.15 -15.04 -14.42
C ARG C 144 42.01 -14.52 -15.28
N VAL C 145 40.85 -14.30 -14.64
CA VAL C 145 39.70 -13.71 -15.30
C VAL C 145 39.53 -12.28 -14.83
N VAL C 146 39.14 -11.39 -15.76
CA VAL C 146 38.73 -10.02 -15.43
C VAL C 146 37.22 -9.91 -15.63
N VAL C 147 36.50 -9.51 -14.57
CA VAL C 147 35.08 -9.20 -14.66
C VAL C 147 34.93 -7.72 -14.43
N GLY C 148 34.45 -7.04 -15.47
CA GLY C 148 34.33 -5.60 -15.44
C GLY C 148 33.22 -5.15 -14.50
N ALA C 149 33.33 -3.88 -14.05
CA ALA C 149 32.38 -3.26 -13.15
C ALA C 149 30.98 -3.36 -13.72
N ASN C 150 30.01 -3.42 -12.79
CA ASN C 150 28.58 -3.34 -13.10
C ASN C 150 28.13 -4.57 -13.89
N SER C 151 28.77 -5.72 -13.67
CA SER C 151 28.47 -6.92 -14.41
C SER C 151 27.51 -7.82 -13.62
N LEU C 152 26.77 -8.64 -14.36
CA LEU C 152 26.01 -9.75 -13.81
C LEU C 152 26.44 -11.05 -14.50
N VAL C 153 27.06 -11.94 -13.72
CA VAL C 153 27.64 -13.15 -14.26
C VAL C 153 26.64 -14.27 -14.08
N LEU C 154 26.07 -14.72 -15.21
CA LEU C 154 25.02 -15.73 -15.20
C LEU C 154 25.54 -17.07 -15.72
N LYS C 155 26.77 -17.13 -16.19
CA LYS C 155 27.29 -18.36 -16.77
C LYS C 155 28.79 -18.45 -16.50
N ASP C 156 29.32 -19.66 -16.69
CA ASP C 156 30.72 -19.94 -16.43
C ASP C 156 31.62 -19.04 -17.27
N ILE C 157 32.83 -18.82 -16.76
CA ILE C 157 33.84 -18.03 -17.44
C ILE C 157 35.13 -18.83 -17.45
N PRO C 158 35.71 -19.12 -18.65
CA PRO C 158 36.96 -19.84 -18.71
C PRO C 158 38.12 -18.95 -18.29
N SER C 159 39.20 -19.60 -17.89
CA SER C 159 40.46 -18.97 -17.55
C SER C 159 40.88 -17.98 -18.64
N ASP C 160 41.66 -16.97 -18.25
CA ASP C 160 42.29 -16.06 -19.19
C ASP C 160 41.28 -15.33 -20.07
N CYS C 161 40.09 -15.03 -19.53
CA CYS C 161 39.06 -14.31 -20.26
C CYS C 161 38.73 -12.99 -19.58
N LYS C 162 38.27 -12.03 -20.37
CA LYS C 162 37.71 -10.78 -19.85
C LYS C 162 36.23 -10.73 -20.25
N VAL C 163 35.37 -10.40 -19.26
CA VAL C 163 33.94 -10.35 -19.49
C VAL C 163 33.42 -9.05 -18.89
N PHE C 164 32.31 -8.56 -19.43
CA PHE C 164 31.53 -7.57 -18.72
C PHE C 164 30.15 -7.42 -19.34
N GLY C 165 29.29 -6.67 -18.64
CA GLY C 165 27.91 -6.45 -19.03
C GLY C 165 26.90 -7.06 -18.05
N SER C 166 25.65 -6.61 -18.16
CA SER C 166 24.51 -7.27 -17.52
C SER C 166 23.56 -7.77 -18.60
N PRO C 167 23.57 -9.05 -19.01
CA PRO C 167 24.46 -10.08 -18.47
C PRO C 167 25.89 -10.03 -18.99
N ALA C 168 26.83 -10.69 -18.32
CA ALA C 168 28.24 -10.64 -18.72
C ALA C 168 28.48 -11.50 -19.96
N VAL C 169 29.18 -10.94 -20.96
CA VAL C 169 29.58 -11.73 -22.13
C VAL C 169 31.11 -11.67 -22.24
N ILE C 170 31.70 -12.66 -22.92
CA ILE C 170 33.14 -12.66 -23.15
C ILE C 170 33.47 -11.53 -24.11
N ILE C 171 34.55 -10.77 -23.84
CA ILE C 171 34.99 -9.68 -24.68
C ILE C 171 36.26 -10.07 -25.43
N THR C 172 37.25 -10.55 -24.68
CA THR C 172 38.52 -10.98 -25.24
C THR C 172 39.22 -11.78 -24.16
N ASP C 173 40.49 -12.14 -24.41
CA ASP C 173 41.35 -12.75 -23.41
C ASP C 173 41.78 -11.68 -22.39
N SER C 174 42.36 -12.12 -21.27
CA SER C 174 42.86 -11.21 -20.25
C SER C 174 44.39 -11.16 -20.28
N LEU C 175 45.03 -11.61 -21.38
CA LEU C 175 46.47 -11.81 -21.41
C LEU C 175 47.22 -10.49 -21.24
N ASN C 176 46.64 -9.36 -21.68
CA ASN C 176 47.28 -8.06 -21.60
C ASN C 176 47.54 -7.62 -20.16
N TYR C 177 46.70 -8.06 -19.21
CA TYR C 177 46.80 -7.60 -17.81
C TYR C 177 47.82 -8.41 -17.00
N GLN C 178 48.31 -9.53 -17.58
CA GLN C 178 49.12 -10.53 -16.86
C GLN C 178 50.60 -10.14 -16.88
N MET D 5 -4.24 21.78 3.41
CA MET D 5 -3.17 21.28 4.32
C MET D 5 -3.77 21.01 5.70
N ILE D 6 -3.93 22.08 6.47
CA ILE D 6 -4.07 22.02 7.92
C ILE D 6 -5.42 21.39 8.29
N LEU D 7 -6.51 21.81 7.61
CA LEU D 7 -7.84 21.34 7.99
C LEU D 7 -7.94 19.83 7.73
N LEU D 8 -7.42 19.34 6.60
CA LEU D 8 -7.46 17.92 6.31
C LEU D 8 -6.75 17.15 7.43
N LYS D 9 -5.56 17.60 7.81
CA LYS D 9 -4.80 16.94 8.86
C LYS D 9 -5.59 16.98 10.18
N GLU D 10 -6.18 18.13 10.49
CA GLU D 10 -7.00 18.23 11.70
C GLU D 10 -8.15 17.21 11.64
N LEU D 11 -8.83 17.08 10.49
CA LEU D 11 -9.97 16.17 10.37
C LEU D 11 -9.50 14.72 10.49
N LYS D 12 -8.35 14.41 9.90
CA LYS D 12 -7.76 13.07 9.97
CA LYS D 12 -7.76 13.08 9.97
C LYS D 12 -7.45 12.74 11.42
N GLU D 13 -6.88 13.71 12.14
CA GLU D 13 -6.51 13.46 13.52
C GLU D 13 -7.77 13.25 14.36
N LEU D 14 -8.77 14.10 14.15
CA LEU D 14 -10.05 13.98 14.83
C LEU D 14 -10.61 12.58 14.65
N PHE D 15 -10.62 12.11 13.39
CA PHE D 15 -11.20 10.82 13.05
C PHE D 15 -10.47 9.69 13.78
N PHE D 16 -9.13 9.76 13.74
CA PHE D 16 -8.28 8.72 14.34
C PHE D 16 -8.54 8.62 15.85
N LEU D 17 -8.50 9.76 16.54
CA LEU D 17 -8.69 9.81 17.98
C LEU D 17 -10.11 9.38 18.36
N ARG D 18 -11.11 9.89 17.63
CA ARG D 18 -12.51 9.56 17.82
C ARG D 18 -12.77 8.07 17.61
N THR D 19 -12.20 7.49 16.55
CA THR D 19 -12.39 6.08 16.25
C THR D 19 -11.83 5.26 17.42
N THR D 20 -10.59 5.55 17.81
CA THR D 20 -9.93 4.85 18.91
C THR D 20 -10.80 4.89 20.15
N TYR D 21 -11.31 6.09 20.47
CA TYR D 21 -12.18 6.29 21.61
C TYR D 21 -13.46 5.46 21.50
N TYR D 22 -14.18 5.54 20.37
CA TYR D 22 -15.44 4.83 20.21
C TYR D 22 -15.26 3.32 20.25
N LEU D 23 -14.11 2.81 19.78
CA LEU D 23 -13.89 1.37 19.82
C LEU D 23 -14.02 0.86 21.25
N LYS D 24 -13.37 1.52 22.22
CA LYS D 24 -13.43 1.04 23.60
C LYS D 24 -14.74 1.46 24.28
N LYS D 25 -15.18 2.70 24.08
CA LYS D 25 -16.28 3.24 24.86
C LYS D 25 -17.63 2.72 24.37
N TYR D 26 -17.81 2.57 23.04
CA TYR D 26 -19.11 2.24 22.49
C TYR D 26 -19.06 0.93 21.69
N ASN D 27 -17.90 0.26 21.74
CA ASN D 27 -17.68 -1.00 21.05
C ASN D 27 -18.10 -0.96 19.59
N ARG D 28 -17.78 0.13 18.86
CA ARG D 28 -18.13 0.23 17.45
C ARG D 28 -17.18 1.18 16.72
N SER D 29 -17.24 1.11 15.39
CA SER D 29 -16.58 2.05 14.49
C SER D 29 -17.61 2.51 13.47
N LEU D 30 -17.76 3.83 13.33
CA LEU D 30 -18.81 4.43 12.53
C LEU D 30 -18.16 5.30 11.46
N PRO D 31 -18.89 5.61 10.37
CA PRO D 31 -18.46 6.62 9.41
C PRO D 31 -18.28 7.98 10.07
N PHE D 32 -17.41 8.76 9.42
CA PHE D 32 -17.10 10.11 9.83
C PHE D 32 -18.36 10.84 10.24
N GLY D 33 -19.35 10.89 9.33
CA GLY D 33 -20.59 11.58 9.60
C GLY D 33 -21.29 11.17 10.89
N ASP D 34 -21.27 9.86 11.22
CA ASP D 34 -21.93 9.36 12.42
C ASP D 34 -21.08 9.54 13.68
N MET D 35 -19.85 10.04 13.52
CA MET D 35 -19.04 10.43 14.66
C MET D 35 -19.26 11.91 15.00
N ILE D 36 -19.98 12.61 14.14
CA ILE D 36 -20.40 13.98 14.38
C ILE D 36 -21.84 14.01 14.88
N VAL D 37 -22.70 13.18 14.30
CA VAL D 37 -24.13 13.30 14.45
C VAL D 37 -24.62 12.28 15.46
N ASP D 38 -25.34 12.75 16.48
CA ASP D 38 -25.99 11.89 17.45
C ASP D 38 -27.35 11.44 16.92
N ARG D 39 -27.58 10.13 16.89
CA ARG D 39 -28.77 9.57 16.24
C ARG D 39 -30.06 10.07 16.88
N TRP D 40 -30.08 10.17 18.21
CA TRP D 40 -31.27 10.61 18.94
C TRP D 40 -31.51 12.11 18.77
N ASP D 41 -30.44 12.90 18.80
CA ASP D 41 -30.54 14.34 18.61
C ASP D 41 -31.06 14.63 17.20
N LYS D 42 -30.55 13.90 16.20
CA LYS D 42 -31.03 14.10 14.84
C LYS D 42 -32.54 13.83 14.81
N ALA D 43 -32.96 12.70 15.39
CA ALA D 43 -34.36 12.31 15.41
C ALA D 43 -35.21 13.44 16.00
N LYS D 44 -34.81 13.93 17.19
CA LYS D 44 -35.49 15.01 17.87
C LYS D 44 -35.61 16.22 16.95
N LEU D 45 -34.53 16.58 16.28
CA LEU D 45 -34.49 17.75 15.42
C LEU D 45 -35.48 17.63 14.23
N LEU D 46 -35.75 16.40 13.76
CA LEU D 46 -36.63 16.14 12.62
C LEU D 46 -38.09 15.98 13.06
N GLY D 47 -38.36 16.12 14.36
CA GLY D 47 -39.71 16.17 14.89
C GLY D 47 -40.28 14.79 15.19
N PHE D 48 -39.40 13.78 15.30
CA PHE D 48 -39.81 12.42 15.51
C PHE D 48 -40.05 12.17 17.00
N GLY D 49 -40.67 11.03 17.32
CA GLY D 49 -41.08 10.75 18.69
C GLY D 49 -39.91 10.36 19.58
N GLU D 50 -40.03 10.70 20.88
CA GLU D 50 -39.08 10.28 21.90
C GLU D 50 -38.67 8.83 21.71
N GLY D 51 -37.36 8.57 21.89
CA GLY D 51 -36.82 7.23 21.78
C GLY D 51 -36.45 6.85 20.34
N THR D 52 -36.86 7.64 19.36
CA THR D 52 -36.53 7.34 17.97
C THR D 52 -35.09 7.75 17.70
N SER D 53 -34.39 6.97 16.86
CA SER D 53 -33.01 7.28 16.49
C SER D 53 -32.88 7.10 14.98
N ILE D 54 -32.00 7.90 14.38
CA ILE D 54 -31.79 7.86 12.94
C ILE D 54 -30.33 8.19 12.68
N TYR D 55 -29.69 7.33 11.88
CA TYR D 55 -28.29 7.49 11.53
C TYR D 55 -28.10 8.72 10.63
N ASP D 56 -26.85 9.22 10.61
CA ASP D 56 -26.45 10.31 9.76
C ASP D 56 -26.74 9.96 8.30
N SER D 57 -26.54 8.69 7.91
CA SER D 57 -26.56 8.33 6.49
C SER D 57 -27.98 8.33 5.92
N SER D 58 -29.00 8.41 6.77
CA SER D 58 -30.38 8.39 6.30
C SER D 58 -30.73 9.67 5.56
N ILE D 59 -31.57 9.56 4.53
CA ILE D 59 -32.16 10.73 3.90
C ILE D 59 -33.65 10.80 4.26
N VAL D 60 -34.10 12.01 4.61
CA VAL D 60 -35.47 12.27 4.99
C VAL D 60 -35.97 13.46 4.15
N LEU D 61 -36.89 13.17 3.21
CA LEU D 61 -37.51 14.17 2.34
C LEU D 61 -38.93 14.47 2.80
N GLY D 62 -39.25 15.75 2.95
CA GLY D 62 -40.63 16.22 2.91
C GLY D 62 -41.35 15.89 4.20
N GLU D 63 -42.65 15.58 4.11
CA GLU D 63 -43.47 15.40 5.29
C GLU D 63 -43.30 13.97 5.77
N VAL D 64 -42.49 13.80 6.82
CA VAL D 64 -42.32 12.49 7.40
C VAL D 64 -42.58 12.60 8.89
N LYS D 65 -43.48 11.75 9.39
CA LYS D 65 -43.78 11.65 10.81
C LYS D 65 -43.39 10.26 11.27
N VAL D 66 -42.80 10.18 12.47
CA VAL D 66 -42.38 8.92 13.05
C VAL D 66 -42.74 8.92 14.53
N GLY D 67 -43.36 7.80 14.94
CA GLY D 67 -43.74 7.62 16.33
C GLY D 67 -42.54 7.53 17.26
N LYS D 68 -42.81 7.01 18.45
CA LYS D 68 -41.82 6.83 19.48
C LYS D 68 -41.11 5.48 19.35
N ASP D 69 -39.86 5.47 19.86
CA ASP D 69 -39.04 4.29 19.97
C ASP D 69 -38.92 3.57 18.64
N THR D 70 -38.82 4.31 17.53
CA THR D 70 -38.60 3.68 16.24
C THR D 70 -37.11 3.80 15.90
N TRP D 71 -36.51 2.70 15.45
CA TRP D 71 -35.09 2.65 15.08
C TRP D 71 -34.97 2.71 13.56
N ILE D 72 -34.35 3.80 13.06
CA ILE D 72 -34.15 3.99 11.64
C ILE D 72 -32.68 3.77 11.33
N GLY D 73 -32.38 2.81 10.46
CA GLY D 73 -31.02 2.33 10.28
C GLY D 73 -30.20 3.21 9.34
N PRO D 74 -28.93 2.82 9.08
CA PRO D 74 -28.07 3.56 8.17
C PRO D 74 -28.51 3.27 6.75
N ASN D 75 -28.12 4.17 5.84
CA ASN D 75 -28.33 4.00 4.41
C ASN D 75 -29.80 3.87 4.06
N THR D 76 -30.67 4.48 4.87
CA THR D 76 -32.09 4.43 4.63
C THR D 76 -32.58 5.65 3.84
N ILE D 77 -33.76 5.47 3.23
CA ILE D 77 -34.50 6.50 2.55
C ILE D 77 -35.91 6.57 3.16
N LEU D 78 -36.26 7.74 3.72
CA LEU D 78 -37.61 8.03 4.14
C LEU D 78 -38.13 9.16 3.27
N ASP D 79 -38.84 8.81 2.19
CA ASP D 79 -39.29 9.77 1.20
C ASP D 79 -40.77 10.09 1.41
N GLY D 80 -41.03 11.28 1.99
CA GLY D 80 -42.39 11.74 2.17
C GLY D 80 -42.75 12.87 1.21
N SER D 81 -41.95 13.04 0.14
CA SER D 81 -42.04 14.18 -0.77
C SER D 81 -43.35 14.17 -1.56
N GLY D 82 -43.99 13.01 -1.73
CA GLY D 82 -45.13 12.92 -2.61
C GLY D 82 -46.44 12.68 -1.87
N GLY D 83 -46.70 13.45 -0.80
CA GLY D 83 -47.98 13.34 -0.09
C GLY D 83 -47.82 12.99 1.37
N GLY D 84 -46.56 12.82 1.79
CA GLY D 84 -46.29 12.53 3.19
C GLY D 84 -46.11 11.03 3.43
N LEU D 85 -45.20 10.74 4.37
CA LEU D 85 -44.91 9.39 4.83
C LEU D 85 -45.13 9.36 6.34
N ILE D 86 -45.91 8.40 6.83
CA ILE D 86 -46.19 8.32 8.25
C ILE D 86 -45.77 6.94 8.77
N ILE D 87 -44.94 6.90 9.82
CA ILE D 87 -44.49 5.66 10.44
C ILE D 87 -44.82 5.69 11.93
N GLY D 88 -45.25 4.54 12.45
CA GLY D 88 -45.68 4.44 13.84
C GLY D 88 -44.51 4.20 14.80
N SER D 89 -44.87 3.65 15.97
CA SER D 89 -43.99 3.45 17.10
C SER D 89 -43.42 2.04 17.12
N ASN D 90 -42.27 1.92 17.78
CA ASN D 90 -41.58 0.66 18.01
C ASN D 90 -41.28 -0.07 16.70
N CYS D 91 -41.06 0.68 15.62
CA CYS D 91 -40.79 0.05 14.34
C CYS D 91 -39.28 -0.18 14.16
N SER D 92 -38.91 -1.27 13.48
CA SER D 92 -37.51 -1.47 13.12
C SER D 92 -37.35 -1.18 11.63
N ILE D 93 -36.69 -0.08 11.27
CA ILE D 93 -36.36 0.21 9.88
C ILE D 93 -34.90 -0.17 9.60
N SER D 94 -34.70 -1.40 9.17
CA SER D 94 -33.39 -1.99 8.94
C SER D 94 -32.54 -1.14 7.99
N ALA D 95 -31.24 -1.40 8.04
CA ALA D 95 -30.29 -0.79 7.13
C ALA D 95 -30.69 -1.06 5.69
N GLY D 96 -30.59 -0.02 4.86
CA GLY D 96 -30.81 -0.11 3.43
C GLY D 96 -32.29 -0.03 3.06
N VAL D 97 -33.17 0.04 4.04
CA VAL D 97 -34.59 0.12 3.75
C VAL D 97 -34.86 1.46 3.04
N GLN D 98 -35.69 1.41 1.98
CA GLN D 98 -36.04 2.57 1.19
C GLN D 98 -37.57 2.66 1.11
N ILE D 99 -38.16 3.79 1.56
CA ILE D 99 -39.60 3.99 1.59
C ILE D 99 -39.97 5.25 0.82
N TYR D 100 -40.79 5.09 -0.23
CA TYR D 100 -41.06 6.12 -1.21
C TYR D 100 -42.53 6.58 -1.19
N THR D 101 -42.74 7.85 -1.56
CA THR D 101 -44.05 8.40 -1.90
C THR D 101 -44.02 9.03 -3.28
N HIS D 102 -43.02 8.73 -4.11
CA HIS D 102 -43.01 9.24 -5.47
C HIS D 102 -42.27 8.26 -6.37
N ASP D 103 -42.23 8.57 -7.68
CA ASP D 103 -41.66 7.69 -8.68
CA ASP D 103 -41.56 7.73 -8.64
C ASP D 103 -41.40 8.53 -9.94
N THR D 104 -40.33 8.20 -10.68
CA THR D 104 -39.93 8.96 -11.86
C THR D 104 -39.81 8.07 -13.10
N VAL D 105 -40.59 6.99 -13.17
CA VAL D 105 -40.49 6.09 -14.30
C VAL D 105 -40.92 6.82 -15.57
N ARG D 106 -42.11 7.41 -15.53
CA ARG D 106 -42.60 8.12 -16.70
C ARG D 106 -41.66 9.27 -17.07
N LYS D 107 -41.24 10.03 -16.05
CA LYS D 107 -40.41 11.20 -16.34
C LYS D 107 -39.20 10.78 -17.15
N SER D 108 -38.52 9.70 -16.75
CA SER D 108 -37.33 9.24 -17.45
C SER D 108 -37.68 8.65 -18.82
N LEU D 109 -38.65 7.73 -18.86
CA LEU D 109 -38.97 6.99 -20.07
C LEU D 109 -39.52 7.91 -21.14
N SER D 110 -40.19 9.02 -20.72
CA SER D 110 -40.67 10.02 -21.65
C SER D 110 -39.59 11.05 -22.01
N GLY D 111 -38.34 10.81 -21.62
CA GLY D 111 -37.27 11.74 -21.96
C GLY D 111 -37.33 13.05 -21.18
N GLY D 112 -37.75 12.97 -19.91
CA GLY D 112 -37.67 14.10 -18.98
C GLY D 112 -38.92 14.96 -18.93
N LYS D 113 -40.03 14.55 -19.57
CA LYS D 113 -41.12 15.47 -19.84
CA LYS D 113 -41.14 15.46 -19.86
C LYS D 113 -42.30 15.18 -18.91
N ALA D 114 -42.57 13.90 -18.62
CA ALA D 114 -43.70 13.57 -17.76
C ALA D 114 -43.49 14.05 -16.33
N ASP D 115 -44.63 14.28 -15.65
CA ASP D 115 -44.67 14.64 -14.25
C ASP D 115 -44.09 13.51 -13.39
N ILE D 116 -43.62 13.90 -12.21
CA ILE D 116 -43.35 12.93 -11.16
C ILE D 116 -44.68 12.37 -10.69
N ASP D 117 -44.76 11.05 -10.49
CA ASP D 117 -45.94 10.41 -9.92
C ASP D 117 -45.80 10.34 -8.39
N LYS D 118 -46.91 10.60 -7.69
CA LYS D 118 -46.89 10.78 -6.25
C LYS D 118 -48.08 10.11 -5.58
N ALA D 119 -47.85 9.57 -4.38
CA ALA D 119 -48.86 8.94 -3.56
C ALA D 119 -48.30 8.71 -2.15
N SER D 120 -49.12 9.01 -1.13
CA SER D 120 -48.70 8.92 0.26
C SER D 120 -48.57 7.46 0.70
N THR D 121 -47.83 7.27 1.79
CA THR D 121 -47.43 5.96 2.25
C THR D 121 -47.54 5.92 3.77
N ARG D 122 -48.03 4.81 4.30
CA ARG D 122 -48.23 4.70 5.74
C ARG D 122 -47.75 3.34 6.22
N ILE D 123 -47.01 3.34 7.34
CA ILE D 123 -46.67 2.14 8.09
C ILE D 123 -47.15 2.32 9.53
N GLY D 124 -47.84 1.31 10.07
CA GLY D 124 -48.36 1.35 11.42
C GLY D 124 -47.27 1.17 12.48
N SER D 125 -47.68 0.72 13.66
CA SER D 125 -46.78 0.53 14.78
C SER D 125 -46.38 -0.93 14.88
N ASP D 126 -45.37 -1.20 15.70
CA ASP D 126 -44.90 -2.54 16.02
C ASP D 126 -44.52 -3.30 14.74
N CYS D 127 -43.93 -2.59 13.78
CA CYS D 127 -43.55 -3.21 12.51
C CYS D 127 -42.04 -3.40 12.40
N TYR D 128 -41.65 -4.42 11.63
CA TYR D 128 -40.26 -4.73 11.30
C TYR D 128 -40.13 -4.78 9.77
N LEU D 129 -39.27 -3.91 9.21
CA LEU D 129 -38.87 -3.97 7.82
C LEU D 129 -37.42 -4.45 7.75
N GLY D 130 -37.23 -5.62 7.17
CA GLY D 130 -35.93 -6.25 7.09
C GLY D 130 -34.98 -5.54 6.15
N PRO D 131 -33.67 -5.86 6.23
CA PRO D 131 -32.67 -5.16 5.43
C PRO D 131 -33.01 -5.06 3.95
N ASN D 132 -32.88 -3.85 3.39
CA ASN D 132 -32.97 -3.64 1.95
C ASN D 132 -34.41 -3.81 1.48
N THR D 133 -35.37 -3.71 2.39
CA THR D 133 -36.78 -3.70 1.98
C THR D 133 -37.04 -2.41 1.20
N ILE D 134 -37.76 -2.51 0.06
CA ILE D 134 -38.22 -1.35 -0.70
C ILE D 134 -39.75 -1.28 -0.58
N ILE D 135 -40.27 -0.13 -0.12
CA ILE D 135 -41.69 0.15 -0.06
C ILE D 135 -42.03 1.25 -1.08
N VAL D 136 -42.95 0.98 -2.03
CA VAL D 136 -43.23 1.93 -3.11
C VAL D 136 -44.38 2.88 -2.70
N LYS D 137 -44.68 3.85 -3.55
CA LYS D 137 -45.65 4.86 -3.20
C LYS D 137 -47.04 4.25 -3.05
N GLY D 138 -47.87 4.84 -2.18
CA GLY D 138 -49.28 4.49 -2.15
C GLY D 138 -49.57 3.29 -1.26
N VAL D 139 -48.53 2.77 -0.60
CA VAL D 139 -48.67 1.54 0.15
C VAL D 139 -49.15 1.89 1.56
N LYS D 140 -50.09 1.08 2.05
CA LYS D 140 -50.51 1.15 3.45
C LYS D 140 -50.11 -0.14 4.14
N ILE D 141 -49.22 -0.04 5.14
CA ILE D 141 -48.83 -1.22 5.92
C ILE D 141 -49.45 -1.10 7.31
N GLY D 142 -50.08 -2.18 7.76
CA GLY D 142 -50.82 -2.19 9.01
C GLY D 142 -49.89 -2.29 10.21
N ASP D 143 -50.51 -2.58 11.37
CA ASP D 143 -49.79 -2.73 12.61
C ASP D 143 -49.26 -4.15 12.72
N ARG D 144 -48.13 -4.31 13.42
CA ARG D 144 -47.60 -5.61 13.76
C ARG D 144 -47.37 -6.42 12.49
N VAL D 145 -46.68 -5.81 11.52
CA VAL D 145 -46.28 -6.49 10.28
C VAL D 145 -44.77 -6.79 10.31
N VAL D 146 -44.43 -7.98 9.81
CA VAL D 146 -43.07 -8.36 9.51
C VAL D 146 -42.92 -8.31 7.99
N VAL D 147 -41.96 -7.52 7.53
CA VAL D 147 -41.53 -7.55 6.14
C VAL D 147 -40.09 -8.03 6.13
N GLY D 148 -39.86 -9.20 5.52
CA GLY D 148 -38.54 -9.79 5.50
C GLY D 148 -37.58 -9.06 4.58
N ALA D 149 -36.28 -9.31 4.82
CA ALA D 149 -35.19 -8.74 4.05
C ALA D 149 -35.40 -8.98 2.56
N ASN D 150 -34.92 -8.03 1.76
CA ASN D 150 -34.85 -8.12 0.31
C ASN D 150 -36.23 -8.09 -0.33
N SER D 151 -37.21 -7.48 0.34
CA SER D 151 -38.57 -7.43 -0.15
C SER D 151 -38.84 -6.18 -0.99
N LEU D 152 -39.79 -6.32 -1.93
CA LEU D 152 -40.35 -5.20 -2.67
C LEU D 152 -41.84 -5.20 -2.44
N VAL D 153 -42.33 -4.24 -1.64
CA VAL D 153 -43.73 -4.17 -1.30
C VAL D 153 -44.45 -3.24 -2.26
N LEU D 154 -45.36 -3.79 -3.07
CA LEU D 154 -46.07 -3.05 -4.10
C LEU D 154 -47.55 -2.86 -3.74
N LYS D 155 -48.03 -3.41 -2.62
CA LYS D 155 -49.42 -3.15 -2.27
C LYS D 155 -49.65 -3.24 -0.76
N ASP D 156 -50.87 -2.92 -0.34
CA ASP D 156 -51.20 -2.80 1.07
C ASP D 156 -50.92 -4.13 1.76
N ILE D 157 -50.57 -4.07 3.04
CA ILE D 157 -50.41 -5.25 3.87
C ILE D 157 -51.24 -5.02 5.12
N PRO D 158 -52.22 -5.90 5.42
CA PRO D 158 -53.04 -5.72 6.62
C PRO D 158 -52.20 -6.04 7.86
N SER D 159 -52.68 -5.55 9.01
CA SER D 159 -52.07 -5.84 10.29
C SER D 159 -51.89 -7.35 10.48
N ASP D 160 -50.93 -7.69 11.35
CA ASP D 160 -50.74 -9.04 11.87
C ASP D 160 -50.31 -10.02 10.78
N CYS D 161 -49.66 -9.53 9.72
CA CYS D 161 -49.18 -10.38 8.65
C CYS D 161 -47.67 -10.42 8.64
N LYS D 162 -47.11 -11.49 8.06
CA LYS D 162 -45.71 -11.59 7.68
C LYS D 162 -45.59 -11.73 6.16
N VAL D 163 -44.69 -10.96 5.53
CA VAL D 163 -44.58 -10.94 4.08
C VAL D 163 -43.11 -10.92 3.69
N PHE D 164 -42.82 -11.40 2.48
CA PHE D 164 -41.52 -11.23 1.87
C PHE D 164 -41.61 -11.61 0.39
N GLY D 165 -40.48 -11.40 -0.30
CA GLY D 165 -40.37 -11.57 -1.74
C GLY D 165 -40.23 -10.25 -2.48
N SER D 166 -39.74 -10.37 -3.72
CA SER D 166 -39.82 -9.35 -4.75
C SER D 166 -40.57 -9.93 -5.94
N PRO D 167 -41.86 -9.65 -6.13
CA PRO D 167 -42.63 -8.77 -5.26
C PRO D 167 -43.05 -9.48 -3.97
N ALA D 168 -43.42 -8.69 -2.96
CA ALA D 168 -43.74 -9.25 -1.67
C ALA D 168 -45.12 -9.89 -1.70
N VAL D 169 -45.25 -11.06 -1.05
CA VAL D 169 -46.51 -11.76 -0.86
C VAL D 169 -46.69 -12.07 0.62
N ILE D 170 -47.94 -12.09 1.06
CA ILE D 170 -48.30 -12.44 2.43
C ILE D 170 -48.13 -13.94 2.60
N ILE D 171 -47.44 -14.35 3.68
CA ILE D 171 -47.03 -15.73 3.89
C ILE D 171 -47.88 -16.41 4.98
N THR D 172 -48.04 -15.75 6.13
CA THR D 172 -48.81 -16.22 7.28
C THR D 172 -49.01 -15.01 8.18
N ASP D 173 -49.60 -15.21 9.36
CA ASP D 173 -49.72 -14.11 10.32
C ASP D 173 -48.39 -13.92 11.01
N SER D 174 -48.27 -12.85 11.78
CA SER D 174 -47.07 -12.52 12.54
C SER D 174 -47.26 -12.77 14.04
N LEU D 175 -48.39 -13.40 14.45
CA LEU D 175 -48.70 -13.56 15.88
C LEU D 175 -47.56 -14.28 16.59
N ASN D 176 -46.90 -15.17 15.85
CA ASN D 176 -45.74 -15.94 16.29
C ASN D 176 -44.65 -15.05 16.89
N TYR D 177 -44.48 -13.83 16.35
CA TYR D 177 -43.40 -12.92 16.68
C TYR D 177 -43.81 -11.93 17.76
N GLN D 178 -45.11 -11.83 18.07
CA GLN D 178 -45.61 -10.88 19.06
C GLN D 178 -45.64 -11.50 20.46
N ARG D 179 -45.57 -12.85 20.51
CA ARG D 179 -45.78 -13.61 21.74
C ARG D 179 -45.42 -15.08 21.48
N GLY E 3 -19.82 26.75 14.84
CA GLY E 3 -20.13 26.08 13.56
C GLY E 3 -20.53 27.08 12.49
N HIS E 4 -19.58 27.95 12.17
CA HIS E 4 -19.85 29.15 11.40
C HIS E 4 -19.78 28.85 9.90
N MET E 5 -20.08 29.90 9.13
CA MET E 5 -20.07 29.83 7.68
C MET E 5 -18.62 29.76 7.19
N ILE E 6 -17.66 30.16 8.03
CA ILE E 6 -16.25 30.04 7.69
C ILE E 6 -15.93 28.56 7.46
N LEU E 7 -16.29 27.73 8.44
CA LEU E 7 -15.98 26.31 8.39
C LEU E 7 -16.67 25.68 7.19
N LEU E 8 -17.94 26.04 6.95
CA LEU E 8 -18.66 25.49 5.81
C LEU E 8 -17.87 25.81 4.54
N LYS E 9 -17.46 27.08 4.41
CA LYS E 9 -16.70 27.46 3.23
C LYS E 9 -15.42 26.65 3.12
N GLU E 10 -14.71 26.47 4.24
CA GLU E 10 -13.45 25.74 4.25
C GLU E 10 -13.68 24.26 3.89
N LEU E 11 -14.82 23.69 4.32
CA LEU E 11 -15.12 22.28 4.05
C LEU E 11 -15.45 22.11 2.57
N LYS E 12 -16.24 23.04 2.00
CA LYS E 12 -16.53 23.00 0.56
C LYS E 12 -15.26 23.11 -0.26
N GLU E 13 -14.35 24.02 0.12
CA GLU E 13 -13.06 24.18 -0.52
C GLU E 13 -12.25 22.89 -0.40
N LEU E 14 -12.22 22.27 0.78
CA LEU E 14 -11.48 21.02 0.94
C LEU E 14 -12.09 19.93 0.03
N PHE E 15 -13.41 19.90 -0.09
CA PHE E 15 -14.06 18.96 -0.98
C PHE E 15 -13.60 19.17 -2.43
N PHE E 16 -13.67 20.41 -2.92
CA PHE E 16 -13.20 20.72 -4.26
C PHE E 16 -11.76 20.24 -4.46
N LEU E 17 -10.86 20.57 -3.52
CA LEU E 17 -9.45 20.27 -3.68
C LEU E 17 -9.16 18.76 -3.62
N ARG E 18 -9.75 18.05 -2.66
CA ARG E 18 -9.62 16.61 -2.55
C ARG E 18 -10.25 15.90 -3.74
N THR E 19 -11.40 16.37 -4.22
CA THR E 19 -12.02 15.71 -5.36
C THR E 19 -11.08 15.81 -6.57
N THR E 20 -10.57 17.02 -6.79
CA THR E 20 -9.65 17.31 -7.89
C THR E 20 -8.43 16.40 -7.78
N TYR E 21 -7.85 16.34 -6.57
CA TYR E 21 -6.71 15.49 -6.32
C TYR E 21 -7.07 14.02 -6.61
N TYR E 22 -8.19 13.56 -6.03
CA TYR E 22 -8.56 12.16 -6.18
C TYR E 22 -8.80 11.81 -7.64
N LEU E 23 -9.43 12.70 -8.43
CA LEU E 23 -9.63 12.43 -9.85
C LEU E 23 -8.27 12.30 -10.55
N LYS E 24 -7.36 13.25 -10.31
CA LYS E 24 -6.06 13.25 -10.93
C LYS E 24 -5.24 12.03 -10.50
N LYS E 25 -5.04 11.84 -9.20
CA LYS E 25 -4.08 10.87 -8.72
C LYS E 25 -4.64 9.46 -8.65
N TYR E 26 -5.97 9.31 -8.47
CA TYR E 26 -6.55 8.01 -8.17
C TYR E 26 -7.69 7.61 -9.11
N ASN E 27 -7.92 8.44 -10.13
CA ASN E 27 -8.97 8.29 -11.13
C ASN E 27 -10.29 7.88 -10.47
N ARG E 28 -10.75 8.64 -9.46
CA ARG E 28 -12.02 8.38 -8.80
C ARG E 28 -12.53 9.59 -8.01
N SER E 29 -13.85 9.58 -7.78
CA SER E 29 -14.54 10.55 -6.94
C SER E 29 -15.24 9.79 -5.83
N LEU E 30 -15.02 10.19 -4.57
CA LEU E 30 -15.56 9.48 -3.43
C LEU E 30 -16.37 10.44 -2.58
N PRO E 31 -17.18 9.90 -1.65
CA PRO E 31 -17.87 10.75 -0.67
C PRO E 31 -16.88 11.53 0.18
N PHE E 32 -17.34 12.68 0.67
CA PHE E 32 -16.55 13.51 1.55
C PHE E 32 -15.86 12.67 2.62
N GLY E 33 -16.64 11.83 3.31
CA GLY E 33 -16.12 11.02 4.41
C GLY E 33 -14.92 10.17 3.99
N ASP E 34 -14.97 9.62 2.78
CA ASP E 34 -13.98 8.68 2.30
C ASP E 34 -12.73 9.38 1.78
N MET E 35 -12.73 10.71 1.81
CA MET E 35 -11.57 11.44 1.33
C MET E 35 -10.80 11.99 2.51
N ILE E 36 -11.30 11.69 3.71
CA ILE E 36 -10.65 11.95 4.98
C ILE E 36 -10.00 10.66 5.47
N VAL E 37 -10.77 9.56 5.36
CA VAL E 37 -10.50 8.29 6.02
C VAL E 37 -9.85 7.33 5.01
N ASP E 38 -8.53 7.11 5.17
CA ASP E 38 -7.76 6.11 4.44
C ASP E 38 -8.19 4.71 4.88
N ARG E 39 -8.54 3.89 3.88
CA ARG E 39 -9.15 2.59 4.10
C ARG E 39 -8.23 1.62 4.85
N TRP E 40 -6.94 1.63 4.52
CA TRP E 40 -6.00 0.67 5.11
C TRP E 40 -5.66 1.05 6.55
N ASP E 41 -5.58 2.36 6.84
CA ASP E 41 -5.35 2.79 8.21
C ASP E 41 -6.58 2.55 9.06
N LYS E 42 -7.77 2.67 8.47
CA LYS E 42 -8.98 2.46 9.24
C LYS E 42 -9.07 0.99 9.67
N ALA E 43 -8.82 0.10 8.71
CA ALA E 43 -8.75 -1.34 8.97
C ALA E 43 -7.72 -1.66 10.05
N LYS E 44 -6.53 -1.03 9.98
CA LYS E 44 -5.48 -1.34 10.92
C LYS E 44 -5.92 -0.93 12.32
N LEU E 45 -6.63 0.19 12.36
CA LEU E 45 -7.12 0.74 13.61
C LEU E 45 -8.23 -0.13 14.19
N LEU E 46 -8.97 -0.84 13.35
CA LEU E 46 -10.07 -1.67 13.85
C LEU E 46 -9.55 -3.06 14.22
N GLY E 47 -8.25 -3.30 14.02
CA GLY E 47 -7.60 -4.53 14.46
C GLY E 47 -7.59 -5.61 13.38
N PHE E 48 -7.90 -5.24 12.14
CA PHE E 48 -8.06 -6.20 11.06
C PHE E 48 -6.67 -6.66 10.59
N GLY E 49 -6.61 -7.81 9.92
CA GLY E 49 -5.36 -8.33 9.39
C GLY E 49 -4.75 -7.45 8.31
N GLU E 50 -3.42 -7.50 8.18
CA GLU E 50 -2.75 -6.54 7.34
C GLU E 50 -3.15 -6.82 5.90
N GLY E 51 -3.20 -5.76 5.08
CA GLY E 51 -3.71 -5.84 3.72
C GLY E 51 -5.22 -5.62 3.62
N THR E 52 -5.92 -5.64 4.75
CA THR E 52 -7.36 -5.45 4.74
C THR E 52 -7.65 -3.96 4.57
N SER E 53 -8.75 -3.64 3.91
CA SER E 53 -9.18 -2.26 3.69
C SER E 53 -10.68 -2.15 3.97
N ILE E 54 -11.12 -1.00 4.51
CA ILE E 54 -12.53 -0.79 4.78
C ILE E 54 -12.87 0.68 4.47
N TYR E 55 -13.99 0.88 3.75
CA TYR E 55 -14.50 2.21 3.45
C TYR E 55 -14.93 2.94 4.74
N ASP E 56 -14.91 4.28 4.67
CA ASP E 56 -15.45 5.12 5.73
C ASP E 56 -16.92 4.76 5.99
N SER E 57 -17.71 4.50 4.94
CA SER E 57 -19.17 4.39 5.02
C SER E 57 -19.64 3.08 5.67
N SER E 58 -18.71 2.22 6.05
CA SER E 58 -18.96 0.92 6.65
C SER E 58 -19.23 1.06 8.14
N ILE E 59 -20.16 0.26 8.66
CA ILE E 59 -20.49 0.25 10.07
C ILE E 59 -20.00 -1.07 10.67
N VAL E 60 -19.25 -0.98 11.78
CA VAL E 60 -18.67 -2.16 12.40
C VAL E 60 -19.05 -2.15 13.86
N LEU E 61 -19.86 -3.13 14.30
CA LEU E 61 -20.43 -3.17 15.63
C LEU E 61 -19.90 -4.38 16.39
N GLY E 62 -19.54 -4.13 17.66
CA GLY E 62 -19.19 -5.19 18.58
C GLY E 62 -17.90 -5.90 18.17
N GLU E 63 -17.82 -7.18 18.46
CA GLU E 63 -16.62 -7.95 18.27
C GLU E 63 -16.55 -8.41 16.81
N VAL E 64 -15.65 -7.81 16.02
CA VAL E 64 -15.47 -8.20 14.64
C VAL E 64 -13.99 -8.45 14.40
N LYS E 65 -13.67 -9.62 13.83
CA LYS E 65 -12.31 -9.95 13.46
C LYS E 65 -12.28 -10.28 11.97
N VAL E 66 -11.24 -9.77 11.30
CA VAL E 66 -11.09 -9.90 9.87
C VAL E 66 -9.67 -10.34 9.55
N GLY E 67 -9.56 -11.35 8.70
CA GLY E 67 -8.26 -11.85 8.31
C GLY E 67 -7.51 -10.87 7.42
N LYS E 68 -6.47 -11.37 6.74
CA LYS E 68 -5.60 -10.59 5.88
C LYS E 68 -6.23 -10.40 4.52
N ASP E 69 -5.87 -9.28 3.87
CA ASP E 69 -6.15 -9.03 2.46
C ASP E 69 -7.64 -9.13 2.11
N THR E 70 -8.50 -8.78 3.05
CA THR E 70 -9.93 -8.76 2.81
C THR E 70 -10.38 -7.34 2.46
N TRP E 71 -11.23 -7.25 1.44
CA TRP E 71 -11.72 -5.95 0.99
C TRP E 71 -13.15 -5.74 1.50
N ILE E 72 -13.33 -4.76 2.38
CA ILE E 72 -14.64 -4.43 2.93
C ILE E 72 -15.18 -3.18 2.22
N GLY E 73 -16.28 -3.36 1.47
CA GLY E 73 -16.79 -2.39 0.54
C GLY E 73 -17.53 -1.24 1.20
N PRO E 74 -17.98 -0.26 0.39
CA PRO E 74 -18.79 0.86 0.90
C PRO E 74 -20.17 0.39 1.34
N ASN E 75 -20.76 1.14 2.27
CA ASN E 75 -22.15 0.94 2.65
C ASN E 75 -22.40 -0.46 3.19
N THR E 76 -21.38 -1.02 3.85
CA THR E 76 -21.48 -2.36 4.40
C THR E 76 -21.79 -2.29 5.89
N ILE E 77 -22.34 -3.40 6.40
CA ILE E 77 -22.61 -3.56 7.82
C ILE E 77 -21.91 -4.84 8.30
N LEU E 78 -20.95 -4.71 9.24
CA LEU E 78 -20.35 -5.87 9.90
C LEU E 78 -20.75 -5.81 11.37
N ASP E 79 -21.77 -6.64 11.71
CA ASP E 79 -22.41 -6.61 13.02
C ASP E 79 -22.00 -7.84 13.83
N GLY E 80 -20.97 -7.67 14.67
CA GLY E 80 -20.58 -8.64 15.69
C GLY E 80 -21.20 -8.42 17.07
N SER E 81 -22.25 -7.59 17.18
CA SER E 81 -22.78 -7.26 18.51
C SER E 81 -23.40 -8.47 19.20
N GLY E 82 -23.73 -9.52 18.44
CA GLY E 82 -24.52 -10.60 18.97
C GLY E 82 -23.70 -11.86 19.21
N GLY E 83 -22.49 -11.73 19.80
CA GLY E 83 -21.62 -12.86 20.06
C GLY E 83 -20.41 -12.94 19.12
N GLY E 84 -20.10 -11.87 18.37
CA GLY E 84 -18.92 -11.85 17.53
C GLY E 84 -19.16 -12.26 16.07
N LEU E 85 -18.54 -11.50 15.17
CA LEU E 85 -18.48 -11.83 13.76
C LEU E 85 -17.02 -12.13 13.41
N ILE E 86 -16.75 -13.26 12.73
CA ILE E 86 -15.39 -13.61 12.33
C ILE E 86 -15.39 -13.85 10.82
N ILE E 87 -14.46 -13.17 10.13
CA ILE E 87 -14.33 -13.22 8.68
C ILE E 87 -12.88 -13.57 8.39
N GLY E 88 -12.66 -14.37 7.36
CA GLY E 88 -11.33 -14.85 7.04
C GLY E 88 -10.57 -13.89 6.13
N SER E 89 -9.69 -14.50 5.32
CA SER E 89 -8.69 -13.80 4.54
C SER E 89 -9.11 -13.82 3.09
N ASN E 90 -8.66 -12.81 2.33
CA ASN E 90 -8.84 -12.76 0.88
C ASN E 90 -10.31 -12.72 0.48
N CYS E 91 -11.16 -12.19 1.37
CA CYS E 91 -12.58 -12.11 1.04
C CYS E 91 -12.88 -10.81 0.29
N SER E 92 -13.88 -10.87 -0.60
CA SER E 92 -14.51 -9.73 -1.21
C SER E 92 -15.85 -9.46 -0.53
N ILE E 93 -15.93 -8.41 0.29
CA ILE E 93 -17.20 -8.03 0.86
C ILE E 93 -17.72 -6.85 0.03
N SER E 94 -18.55 -7.15 -0.96
CA SER E 94 -18.98 -6.15 -1.91
C SER E 94 -19.82 -5.06 -1.25
N ALA E 95 -19.94 -3.95 -1.99
CA ALA E 95 -20.76 -2.80 -1.58
C ALA E 95 -22.15 -3.27 -1.18
N GLY E 96 -22.67 -2.76 -0.05
CA GLY E 96 -24.04 -3.04 0.34
C GLY E 96 -24.24 -4.35 1.10
N VAL E 97 -23.19 -5.15 1.23
CA VAL E 97 -23.28 -6.40 1.96
C VAL E 97 -23.53 -6.08 3.43
N GLN E 98 -24.47 -6.81 4.05
CA GLN E 98 -24.77 -6.64 5.46
C GLN E 98 -24.68 -8.01 6.14
N ILE E 99 -23.95 -8.06 7.26
CA ILE E 99 -23.71 -9.29 8.00
C ILE E 99 -24.06 -9.05 9.46
N TYR E 100 -24.95 -9.88 10.00
CA TYR E 100 -25.62 -9.65 11.26
C TYR E 100 -25.39 -10.82 12.23
N THR E 101 -25.38 -10.44 13.53
CA THR E 101 -25.37 -11.36 14.64
C THR E 101 -26.55 -11.08 15.59
N HIS E 102 -27.48 -10.21 15.21
CA HIS E 102 -28.66 -9.99 16.02
C HIS E 102 -29.85 -9.74 15.10
N ASP E 103 -31.04 -9.66 15.71
CA ASP E 103 -32.30 -9.35 15.04
CA ASP E 103 -32.18 -9.08 15.03
C ASP E 103 -33.22 -8.68 16.07
N THR E 104 -34.17 -7.85 15.61
CA THR E 104 -35.07 -7.16 16.52
C THR E 104 -36.54 -7.43 16.16
N VAL E 105 -36.81 -8.55 15.47
CA VAL E 105 -38.15 -8.82 14.95
C VAL E 105 -39.11 -8.89 16.14
N ARG E 106 -38.83 -9.78 17.08
CA ARG E 106 -39.66 -9.98 18.26
C ARG E 106 -39.78 -8.70 19.09
N LYS E 107 -38.68 -7.97 19.29
CA LYS E 107 -38.72 -6.72 20.03
C LYS E 107 -39.76 -5.78 19.43
N SER E 108 -39.67 -5.59 18.10
CA SER E 108 -40.60 -4.70 17.42
C SER E 108 -42.04 -5.23 17.46
N LEU E 109 -42.25 -6.52 17.16
CA LEU E 109 -43.59 -7.05 16.94
C LEU E 109 -44.34 -7.17 18.27
N SER E 110 -43.59 -7.23 19.36
CA SER E 110 -44.12 -7.30 20.72
C SER E 110 -44.27 -5.90 21.33
N GLY E 111 -44.18 -4.85 20.51
CA GLY E 111 -44.36 -3.48 20.99
C GLY E 111 -43.20 -2.98 21.84
N GLY E 112 -42.05 -3.66 21.77
CA GLY E 112 -40.83 -3.19 22.40
C GLY E 112 -40.45 -3.99 23.64
N LYS E 113 -41.17 -5.08 23.94
CA LYS E 113 -41.04 -5.76 25.21
C LYS E 113 -40.04 -6.91 25.09
N ALA E 114 -40.08 -7.67 24.01
CA ALA E 114 -39.19 -8.80 23.85
C ALA E 114 -37.74 -8.32 23.76
N ASP E 115 -36.84 -9.25 24.11
CA ASP E 115 -35.40 -9.08 24.04
C ASP E 115 -34.90 -9.11 22.58
N ILE E 116 -33.71 -8.53 22.39
CA ILE E 116 -32.97 -8.68 21.14
C ILE E 116 -32.45 -10.11 21.05
N ASP E 117 -32.60 -10.73 19.88
CA ASP E 117 -32.13 -12.08 19.66
C ASP E 117 -30.72 -12.03 19.07
N LYS E 118 -29.82 -12.89 19.55
CA LYS E 118 -28.42 -12.87 19.15
C LYS E 118 -27.90 -14.26 18.83
N ALA E 119 -26.96 -14.33 17.89
CA ALA E 119 -26.17 -15.52 17.63
C ALA E 119 -24.98 -15.12 16.76
N SER E 120 -23.82 -15.78 17.00
CA SER E 120 -22.57 -15.45 16.33
C SER E 120 -22.59 -15.87 14.86
N THR E 121 -21.73 -15.23 14.04
CA THR E 121 -21.64 -15.53 12.62
C THR E 121 -20.18 -15.71 12.23
N ARG E 122 -19.92 -16.57 11.24
CA ARG E 122 -18.55 -16.84 10.83
C ARG E 122 -18.48 -16.99 9.32
N ILE E 123 -17.44 -16.41 8.72
CA ILE E 123 -17.19 -16.59 7.30
C ILE E 123 -15.74 -17.02 7.10
N GLY E 124 -15.53 -18.03 6.25
CA GLY E 124 -14.22 -18.58 5.96
C GLY E 124 -13.36 -17.64 5.15
N SER E 125 -12.28 -18.19 4.58
CA SER E 125 -11.36 -17.42 3.77
C SER E 125 -11.68 -17.67 2.30
N ASP E 126 -11.09 -16.81 1.45
CA ASP E 126 -11.22 -16.92 0.01
C ASP E 126 -12.69 -16.90 -0.42
N CYS E 127 -13.53 -16.14 0.32
CA CYS E 127 -14.95 -16.05 -0.03
C CYS E 127 -15.27 -14.79 -0.82
N TYR E 128 -16.31 -14.88 -1.66
CA TYR E 128 -16.85 -13.75 -2.37
C TYR E 128 -18.32 -13.53 -1.98
N LEU E 129 -18.60 -12.35 -1.41
CA LEU E 129 -19.97 -11.98 -1.11
C LEU E 129 -20.38 -10.86 -2.05
N GLY E 130 -21.33 -11.17 -2.93
CA GLY E 130 -21.67 -10.27 -4.01
C GLY E 130 -22.53 -9.11 -3.50
N PRO E 131 -22.68 -8.05 -4.30
CA PRO E 131 -23.49 -6.90 -3.95
C PRO E 131 -24.82 -7.17 -3.24
N ASN E 132 -24.99 -6.53 -2.07
CA ASN E 132 -26.27 -6.51 -1.36
C ASN E 132 -26.63 -7.88 -0.82
N THR E 133 -25.61 -8.71 -0.58
CA THR E 133 -25.81 -9.96 0.14
C THR E 133 -26.15 -9.61 1.58
N ILE E 134 -27.20 -10.25 2.11
CA ILE E 134 -27.56 -10.18 3.53
C ILE E 134 -27.26 -11.53 4.17
N ILE E 135 -26.38 -11.54 5.18
CA ILE E 135 -26.11 -12.72 5.98
C ILE E 135 -26.71 -12.46 7.36
N VAL E 136 -27.55 -13.41 7.84
CA VAL E 136 -28.21 -13.26 9.13
C VAL E 136 -27.41 -13.97 10.24
N LYS E 137 -27.85 -13.74 11.48
CA LYS E 137 -27.24 -14.27 12.68
C LYS E 137 -27.26 -15.80 12.66
N GLY E 138 -26.23 -16.40 13.29
CA GLY E 138 -26.13 -17.83 13.45
C GLY E 138 -25.51 -18.54 12.24
N VAL E 139 -25.13 -17.79 11.21
CA VAL E 139 -24.75 -18.41 9.97
C VAL E 139 -23.26 -18.69 9.98
N LYS E 140 -22.90 -19.91 9.54
CA LYS E 140 -21.51 -20.30 9.35
C LYS E 140 -21.28 -20.51 7.87
N ILE E 141 -20.36 -19.73 7.29
CA ILE E 141 -19.98 -19.90 5.90
C ILE E 141 -18.56 -20.46 5.85
N GLY E 142 -18.38 -21.51 5.05
CA GLY E 142 -17.10 -22.18 4.97
C GLY E 142 -16.08 -21.38 4.15
N ASP E 143 -15.05 -22.08 3.66
CA ASP E 143 -14.05 -21.40 2.85
C ASP E 143 -14.43 -21.57 1.39
N ARG E 144 -13.85 -20.68 0.56
CA ARG E 144 -13.96 -20.74 -0.88
C ARG E 144 -15.43 -20.80 -1.31
N VAL E 145 -16.26 -19.93 -0.73
CA VAL E 145 -17.66 -19.84 -1.10
C VAL E 145 -17.88 -18.64 -2.01
N VAL E 146 -18.80 -18.81 -2.97
CA VAL E 146 -19.33 -17.74 -3.81
C VAL E 146 -20.79 -17.47 -3.41
N VAL E 147 -21.07 -16.27 -2.88
CA VAL E 147 -22.44 -15.85 -2.67
C VAL E 147 -22.80 -14.75 -3.68
N GLY E 148 -23.72 -15.08 -4.59
CA GLY E 148 -24.13 -14.19 -5.66
C GLY E 148 -24.86 -12.96 -5.13
N ALA E 149 -24.84 -11.89 -5.92
CA ALA E 149 -25.49 -10.63 -5.59
C ALA E 149 -26.95 -10.87 -5.22
N ASN E 150 -27.43 -10.03 -4.31
CA ASN E 150 -28.84 -9.91 -3.95
C ASN E 150 -29.32 -11.11 -3.15
N SER E 151 -28.40 -11.91 -2.60
CA SER E 151 -28.77 -13.11 -1.86
C SER E 151 -29.16 -12.81 -0.44
N LEU E 152 -30.01 -13.67 0.11
CA LEU E 152 -30.33 -13.70 1.53
C LEU E 152 -29.92 -15.05 2.11
N VAL E 153 -28.87 -15.06 2.94
CA VAL E 153 -28.32 -16.28 3.48
C VAL E 153 -28.89 -16.51 4.86
N LEU E 154 -29.72 -17.54 5.00
CA LEU E 154 -30.42 -17.87 6.23
C LEU E 154 -29.78 -19.08 6.93
N LYS E 155 -28.97 -19.86 6.20
CA LYS E 155 -28.46 -21.13 6.66
C LYS E 155 -26.98 -21.27 6.30
N ASP E 156 -26.29 -22.13 7.06
CA ASP E 156 -24.88 -22.40 6.85
C ASP E 156 -24.59 -22.77 5.40
N ILE E 157 -23.39 -22.43 4.92
CA ILE E 157 -22.95 -22.81 3.61
C ILE E 157 -21.65 -23.59 3.80
N PRO E 158 -21.61 -24.84 3.32
CA PRO E 158 -20.36 -25.60 3.33
C PRO E 158 -19.32 -24.92 2.46
N SER E 159 -18.05 -25.23 2.73
CA SER E 159 -16.95 -24.77 1.89
C SER E 159 -17.16 -25.18 0.43
N ASP E 160 -16.54 -24.41 -0.48
CA ASP E 160 -16.54 -24.75 -1.90
C ASP E 160 -17.93 -24.77 -2.54
N CYS E 161 -18.89 -23.97 -2.03
CA CYS E 161 -20.19 -23.89 -2.65
C CYS E 161 -20.39 -22.54 -3.36
N LYS E 162 -21.26 -22.54 -4.37
CA LYS E 162 -21.82 -21.32 -4.91
C LYS E 162 -23.31 -21.30 -4.58
N VAL E 163 -23.75 -20.18 -4.01
CA VAL E 163 -25.15 -20.06 -3.66
C VAL E 163 -25.66 -18.73 -4.20
N PHE E 164 -26.98 -18.66 -4.42
CA PHE E 164 -27.65 -17.37 -4.59
C PHE E 164 -29.14 -17.55 -4.38
N GLY E 165 -29.82 -16.39 -4.29
CA GLY E 165 -31.26 -16.31 -4.14
C GLY E 165 -31.64 -15.71 -2.81
N SER E 166 -32.93 -15.38 -2.71
CA SER E 166 -33.53 -15.02 -1.45
C SER E 166 -34.69 -15.97 -1.23
N PRO E 167 -34.53 -17.05 -0.43
CA PRO E 167 -33.30 -17.33 0.29
C PRO E 167 -32.25 -18.01 -0.57
N ALA E 168 -31.00 -17.98 -0.10
CA ALA E 168 -29.88 -18.56 -0.83
C ALA E 168 -29.99 -20.08 -0.82
N VAL E 169 -29.68 -20.69 -1.97
CA VAL E 169 -29.71 -22.13 -2.15
C VAL E 169 -28.37 -22.51 -2.77
N ILE E 170 -27.88 -23.71 -2.43
CA ILE E 170 -26.68 -24.24 -3.05
C ILE E 170 -26.99 -24.58 -4.50
N ILE E 171 -26.31 -23.90 -5.42
CA ILE E 171 -26.48 -24.11 -6.84
C ILE E 171 -25.59 -25.24 -7.31
N THR E 172 -24.28 -25.09 -7.11
CA THR E 172 -23.28 -26.15 -7.33
C THR E 172 -22.09 -25.82 -6.46
N ASP E 173 -20.94 -26.44 -6.78
CA ASP E 173 -19.68 -26.08 -6.15
C ASP E 173 -19.07 -24.88 -6.87
N SER E 174 -17.97 -24.36 -6.31
CA SER E 174 -17.32 -23.15 -6.80
C SER E 174 -15.97 -23.44 -7.44
N LEU E 175 -15.66 -24.72 -7.68
CA LEU E 175 -14.32 -25.10 -8.10
C LEU E 175 -13.94 -24.39 -9.40
N ASN E 176 -14.92 -24.25 -10.28
CA ASN E 176 -14.92 -23.33 -11.40
C ASN E 176 -14.05 -22.09 -11.22
N TYR E 177 -14.23 -21.37 -10.10
CA TYR E 177 -13.70 -20.03 -9.92
C TYR E 177 -12.31 -20.10 -9.30
N GLN E 178 -11.84 -21.32 -8.99
CA GLN E 178 -10.66 -21.53 -8.16
C GLN E 178 -9.42 -21.82 -9.00
N ARG E 179 -8.25 -21.67 -8.36
CA ARG E 179 -6.97 -21.81 -9.04
C ARG E 179 -6.63 -23.29 -9.26
N ASN E 180 -6.30 -23.62 -10.50
CA ASN E 180 -5.61 -24.86 -10.84
C ASN E 180 -4.22 -24.79 -10.20
N ASN E 181 -3.84 -25.83 -9.43
CA ASN E 181 -2.58 -25.81 -8.72
C ASN E 181 -1.47 -26.35 -9.62
N ILE E 182 -0.90 -25.44 -10.44
CA ILE E 182 0.12 -25.71 -11.44
C ILE E 182 -0.49 -26.61 -12.55
N GLY F 2 -3.71 22.57 20.41
CA GLY F 2 -4.96 22.85 21.15
C GLY F 2 -5.92 21.66 21.16
N GLY F 3 -5.65 20.65 20.33
CA GLY F 3 -6.47 19.45 20.23
C GLY F 3 -7.61 19.60 19.22
N HIS F 4 -8.43 18.56 19.10
CA HIS F 4 -9.42 18.43 18.05
C HIS F 4 -10.79 18.92 18.52
N MET F 5 -10.89 19.30 19.80
CA MET F 5 -12.19 19.44 20.46
C MET F 5 -13.00 20.56 19.81
N ILE F 6 -12.37 21.72 19.62
CA ILE F 6 -13.05 22.88 19.06
C ILE F 6 -13.63 22.48 17.70
N LEU F 7 -12.83 21.76 16.89
CA LEU F 7 -13.24 21.41 15.55
C LEU F 7 -14.48 20.53 15.66
N LEU F 8 -14.43 19.52 16.56
CA LEU F 8 -15.54 18.60 16.72
C LEU F 8 -16.80 19.38 17.09
N LYS F 9 -16.66 20.33 18.00
CA LYS F 9 -17.79 21.10 18.46
C LYS F 9 -18.33 21.94 17.29
N GLU F 10 -17.43 22.52 16.50
CA GLU F 10 -17.81 23.38 15.39
C GLU F 10 -18.59 22.56 14.35
N LEU F 11 -18.11 21.34 14.07
CA LEU F 11 -18.74 20.42 13.13
C LEU F 11 -20.18 20.13 13.57
N LYS F 12 -20.36 19.86 14.87
CA LYS F 12 -21.68 19.61 15.43
C LYS F 12 -22.57 20.84 15.38
N GLU F 13 -22.01 22.02 15.66
CA GLU F 13 -22.79 23.24 15.51
C GLU F 13 -23.22 23.37 14.06
N LEU F 14 -22.32 23.11 13.13
CA LEU F 14 -22.61 23.31 11.72
C LEU F 14 -23.65 22.30 11.23
N PHE F 15 -23.61 21.06 11.73
CA PHE F 15 -24.64 20.08 11.41
C PHE F 15 -26.01 20.61 11.84
N PHE F 16 -26.09 21.22 13.03
CA PHE F 16 -27.35 21.70 13.55
C PHE F 16 -27.87 22.83 12.66
N LEU F 17 -26.97 23.77 12.32
CA LEU F 17 -27.34 24.94 11.55
C LEU F 17 -27.76 24.55 10.13
N ARG F 18 -27.04 23.62 9.49
CA ARG F 18 -27.36 23.24 8.12
C ARG F 18 -28.64 22.42 8.05
N THR F 19 -28.82 21.50 9.02
CA THR F 19 -30.05 20.74 9.11
C THR F 19 -31.24 21.71 9.24
N THR F 20 -31.19 22.62 10.21
CA THR F 20 -32.23 23.61 10.42
C THR F 20 -32.48 24.35 9.10
N TYR F 21 -31.40 24.76 8.44
CA TYR F 21 -31.49 25.42 7.16
C TYR F 21 -32.17 24.57 6.08
N TYR F 22 -31.70 23.32 5.89
CA TYR F 22 -32.19 22.43 4.84
C TYR F 22 -33.67 22.08 5.08
N LEU F 23 -34.09 21.96 6.34
CA LEU F 23 -35.49 21.74 6.66
C LEU F 23 -36.33 22.90 6.13
N LYS F 24 -35.95 24.13 6.52
CA LYS F 24 -36.70 25.32 6.20
C LYS F 24 -36.74 25.55 4.70
N LYS F 25 -35.57 25.54 4.05
CA LYS F 25 -35.48 26.00 2.68
C LYS F 25 -35.78 24.89 1.67
N TYR F 26 -35.45 23.62 1.99
CA TYR F 26 -35.55 22.53 1.03
C TYR F 26 -36.43 21.39 1.51
N ASN F 27 -36.97 21.52 2.73
CA ASN F 27 -37.90 20.56 3.28
C ASN F 27 -37.29 19.15 3.29
N ARG F 28 -36.06 19.03 3.76
CA ARG F 28 -35.41 17.73 3.86
C ARG F 28 -34.29 17.74 4.90
N SER F 29 -33.95 16.55 5.39
CA SER F 29 -32.79 16.32 6.24
C SER F 29 -31.84 15.35 5.53
N LEU F 30 -30.58 15.76 5.40
CA LEU F 30 -29.59 15.00 4.66
C LEU F 30 -28.41 14.60 5.56
N PRO F 31 -27.61 13.60 5.11
CA PRO F 31 -26.33 13.29 5.73
C PRO F 31 -25.41 14.50 5.69
N PHE F 32 -24.56 14.59 6.72
CA PHE F 32 -23.58 15.65 6.89
C PHE F 32 -22.85 15.93 5.57
N GLY F 33 -22.34 14.87 4.92
CA GLY F 33 -21.64 15.00 3.65
C GLY F 33 -22.46 15.68 2.53
N ASP F 34 -23.74 15.36 2.46
CA ASP F 34 -24.62 15.95 1.49
C ASP F 34 -25.08 17.35 1.89
N MET F 35 -24.62 17.85 3.03
CA MET F 35 -24.87 19.26 3.34
C MET F 35 -23.62 20.10 3.14
N ILE F 36 -22.54 19.43 2.67
CA ILE F 36 -21.30 20.08 2.30
C ILE F 36 -21.29 20.15 0.78
N VAL F 37 -21.61 19.01 0.16
CA VAL F 37 -21.40 18.83 -1.26
C VAL F 37 -22.68 19.20 -1.99
N ASP F 38 -22.56 19.95 -3.09
CA ASP F 38 -23.71 20.29 -3.90
C ASP F 38 -23.81 19.27 -5.02
N ARG F 39 -25.03 18.75 -5.23
CA ARG F 39 -25.22 17.61 -6.14
C ARG F 39 -24.88 17.99 -7.57
N TRP F 40 -25.26 19.21 -7.97
CA TRP F 40 -25.06 19.64 -9.35
C TRP F 40 -23.60 20.00 -9.60
N ASP F 41 -22.99 20.67 -8.62
CA ASP F 41 -21.60 21.07 -8.70
CA ASP F 41 -21.59 21.06 -8.73
C ASP F 41 -20.71 19.82 -8.78
N LYS F 42 -21.07 18.76 -8.05
CA LYS F 42 -20.27 17.56 -8.05
C LYS F 42 -20.33 16.92 -9.43
N ALA F 43 -21.55 16.80 -9.98
CA ALA F 43 -21.73 16.26 -11.32
C ALA F 43 -20.87 17.03 -12.30
N LYS F 44 -20.94 18.37 -12.19
CA LYS F 44 -20.19 19.24 -13.09
C LYS F 44 -18.71 18.91 -13.00
N LEU F 45 -18.22 18.74 -11.78
CA LEU F 45 -16.82 18.47 -11.49
C LEU F 45 -16.36 17.13 -12.05
N LEU F 46 -17.25 16.11 -12.07
CA LEU F 46 -16.87 14.80 -12.55
C LEU F 46 -17.05 14.75 -14.07
N GLY F 47 -17.47 15.88 -14.66
CA GLY F 47 -17.51 16.02 -16.10
C GLY F 47 -18.83 15.57 -16.71
N PHE F 48 -19.87 15.42 -15.87
CA PHE F 48 -21.17 14.98 -16.33
C PHE F 48 -21.90 16.12 -17.03
N GLY F 49 -22.82 15.76 -17.94
CA GLY F 49 -23.57 16.72 -18.72
C GLY F 49 -24.47 17.60 -17.86
N GLU F 50 -24.88 18.73 -18.41
CA GLU F 50 -25.66 19.71 -17.68
C GLU F 50 -26.96 19.08 -17.19
N GLY F 51 -27.37 19.48 -15.97
CA GLY F 51 -28.63 19.09 -15.37
C GLY F 51 -28.51 17.81 -14.53
N THR F 52 -27.36 17.14 -14.63
CA THR F 52 -27.13 15.90 -13.93
C THR F 52 -26.76 16.25 -12.48
N SER F 53 -27.27 15.46 -11.55
CA SER F 53 -27.00 15.62 -10.13
C SER F 53 -26.52 14.30 -9.55
N ILE F 54 -25.58 14.38 -8.59
CA ILE F 54 -25.06 13.19 -7.94
C ILE F 54 -24.86 13.50 -6.47
N TYR F 55 -25.39 12.63 -5.62
CA TYR F 55 -25.25 12.73 -4.18
C TYR F 55 -23.80 12.51 -3.73
N ASP F 56 -23.47 13.07 -2.56
CA ASP F 56 -22.15 12.90 -1.96
C ASP F 56 -21.85 11.42 -1.77
N SER F 57 -22.85 10.61 -1.40
CA SER F 57 -22.66 9.23 -0.99
C SER F 57 -22.26 8.29 -2.13
N SER F 58 -22.43 8.73 -3.38
CA SER F 58 -22.10 7.95 -4.55
C SER F 58 -20.58 7.79 -4.72
N ILE F 59 -20.17 6.66 -5.31
CA ILE F 59 -18.77 6.41 -5.65
C ILE F 59 -18.66 6.32 -7.17
N VAL F 60 -17.75 7.10 -7.77
CA VAL F 60 -17.51 7.05 -9.20
C VAL F 60 -16.04 6.69 -9.40
N LEU F 61 -15.80 5.50 -10.01
CA LEU F 61 -14.47 4.94 -10.23
C LEU F 61 -14.12 4.96 -11.69
N GLY F 62 -12.94 5.44 -12.06
CA GLY F 62 -12.43 5.30 -13.42
C GLY F 62 -13.18 6.16 -14.42
N GLU F 63 -13.30 5.66 -15.65
CA GLU F 63 -13.88 6.40 -16.75
C GLU F 63 -15.39 6.23 -16.75
N VAL F 64 -16.08 7.33 -16.47
CA VAL F 64 -17.51 7.35 -16.39
C VAL F 64 -18.00 8.59 -17.11
N LYS F 65 -18.85 8.40 -18.11
CA LYS F 65 -19.49 9.46 -18.87
C LYS F 65 -20.99 9.40 -18.59
N VAL F 66 -21.59 10.56 -18.24
CA VAL F 66 -23.03 10.66 -18.03
C VAL F 66 -23.58 11.83 -18.84
N GLY F 67 -24.72 11.61 -19.49
CA GLY F 67 -25.35 12.65 -20.28
C GLY F 67 -25.95 13.75 -19.41
N LYS F 68 -26.83 14.53 -20.06
CA LYS F 68 -27.59 15.61 -19.46
C LYS F 68 -28.78 15.07 -18.68
N ASP F 69 -29.14 15.81 -17.62
CA ASP F 69 -30.41 15.64 -16.92
C ASP F 69 -30.56 14.21 -16.39
N THR F 70 -29.47 13.62 -15.94
CA THR F 70 -29.51 12.32 -15.27
C THR F 70 -29.37 12.51 -13.77
N TRP F 71 -30.26 11.85 -13.03
CA TRP F 71 -30.30 11.88 -11.58
C TRP F 71 -29.57 10.66 -11.04
N ILE F 72 -28.46 10.91 -10.33
CA ILE F 72 -27.73 9.85 -9.71
C ILE F 72 -27.98 9.89 -8.21
N GLY F 73 -28.55 8.79 -7.73
CA GLY F 73 -29.06 8.72 -6.38
C GLY F 73 -27.98 8.50 -5.34
N PRO F 74 -28.39 8.52 -4.06
CA PRO F 74 -27.49 8.22 -2.98
C PRO F 74 -27.09 6.76 -2.90
N ASN F 75 -25.96 6.52 -2.24
CA ASN F 75 -25.54 5.17 -1.91
C ASN F 75 -25.37 4.38 -3.22
N THR F 76 -25.05 5.09 -4.30
CA THR F 76 -24.85 4.47 -5.59
C THR F 76 -23.37 4.16 -5.87
N ILE F 77 -23.12 3.23 -6.80
CA ILE F 77 -21.78 2.89 -7.28
C ILE F 77 -21.81 2.97 -8.81
N LEU F 78 -20.98 3.86 -9.41
CA LEU F 78 -20.78 3.94 -10.85
C LEU F 78 -19.34 3.57 -11.16
N ASP F 79 -19.14 2.33 -11.60
CA ASP F 79 -17.78 1.79 -11.68
C ASP F 79 -17.38 1.61 -13.14
N GLY F 80 -16.54 2.54 -13.62
CA GLY F 80 -16.00 2.46 -14.98
C GLY F 80 -14.55 1.98 -15.03
N SER F 81 -14.07 1.36 -13.95
CA SER F 81 -12.66 1.01 -13.83
C SER F 81 -12.25 -0.10 -14.80
N GLY F 82 -13.23 -0.78 -15.40
CA GLY F 82 -12.93 -1.98 -16.16
C GLY F 82 -13.18 -1.81 -17.65
N GLY F 83 -12.91 -0.61 -18.20
CA GLY F 83 -13.10 -0.35 -19.62
C GLY F 83 -14.10 0.78 -19.88
N GLY F 84 -14.58 1.40 -18.80
CA GLY F 84 -15.40 2.58 -18.92
C GLY F 84 -16.89 2.25 -18.89
N LEU F 85 -17.63 3.14 -18.25
CA LEU F 85 -19.07 3.10 -18.12
C LEU F 85 -19.62 4.34 -18.79
N ILE F 86 -20.59 4.15 -19.68
CA ILE F 86 -21.25 5.27 -20.35
C ILE F 86 -22.74 5.17 -20.01
N ILE F 87 -23.33 6.30 -19.60
CA ILE F 87 -24.73 6.43 -19.27
C ILE F 87 -25.31 7.62 -20.02
N GLY F 88 -26.50 7.49 -20.57
CA GLY F 88 -27.12 8.56 -21.32
C GLY F 88 -27.81 9.63 -20.47
N SER F 89 -28.79 10.29 -21.11
CA SER F 89 -29.47 11.45 -20.57
C SER F 89 -30.84 11.04 -20.04
N ASN F 90 -31.34 11.87 -19.13
CA ASN F 90 -32.69 11.75 -18.57
C ASN F 90 -32.89 10.40 -17.87
N CYS F 91 -31.79 9.82 -17.35
CA CYS F 91 -31.90 8.53 -16.67
C CYS F 91 -32.20 8.77 -15.21
N SER F 92 -32.96 7.87 -14.57
CA SER F 92 -33.06 7.78 -13.13
C SER F 92 -32.18 6.64 -12.61
N ILE F 93 -31.12 6.98 -11.87
CA ILE F 93 -30.32 5.97 -11.19
C ILE F 93 -30.70 6.02 -9.71
N SER F 94 -31.62 5.16 -9.28
CA SER F 94 -32.22 5.19 -7.96
C SER F 94 -31.19 4.91 -6.85
N ALA F 95 -31.56 5.27 -5.61
CA ALA F 95 -30.80 4.93 -4.42
C ALA F 95 -30.35 3.46 -4.43
N GLY F 96 -29.06 3.23 -4.25
CA GLY F 96 -28.53 1.89 -4.04
C GLY F 96 -28.18 1.15 -5.32
N VAL F 97 -28.34 1.80 -6.48
CA VAL F 97 -28.01 1.17 -7.74
C VAL F 97 -26.51 1.06 -7.86
N GLN F 98 -26.04 -0.11 -8.28
CA GLN F 98 -24.63 -0.40 -8.42
C GLN F 98 -24.38 -0.88 -9.85
N ILE F 99 -23.44 -0.25 -10.57
CA ILE F 99 -23.17 -0.52 -11.98
C ILE F 99 -21.66 -0.80 -12.10
N TYR F 100 -21.31 -2.01 -12.57
CA TYR F 100 -19.94 -2.48 -12.53
C TYR F 100 -19.37 -2.74 -13.91
N THR F 101 -18.03 -2.64 -13.96
CA THR F 101 -17.23 -3.02 -15.11
C THR F 101 -16.06 -3.90 -14.68
N HIS F 102 -16.06 -4.36 -13.43
CA HIS F 102 -15.07 -5.32 -12.98
C HIS F 102 -15.71 -6.24 -11.94
N ASP F 103 -15.02 -7.35 -11.64
CA ASP F 103 -15.25 -8.02 -10.37
C ASP F 103 -14.07 -8.93 -10.04
N THR F 104 -14.17 -9.54 -8.85
CA THR F 104 -13.04 -10.12 -8.13
C THR F 104 -13.39 -11.52 -7.64
N VAL F 105 -14.33 -12.19 -8.31
CA VAL F 105 -14.76 -13.50 -7.87
C VAL F 105 -13.55 -14.44 -7.90
N ARG F 106 -12.93 -14.58 -9.09
CA ARG F 106 -11.80 -15.47 -9.25
C ARG F 106 -10.68 -15.04 -8.31
N LYS F 107 -10.56 -13.73 -8.07
CA LYS F 107 -9.45 -13.26 -7.26
C LYS F 107 -9.56 -13.76 -5.82
N SER F 108 -10.74 -13.59 -5.19
CA SER F 108 -10.97 -14.10 -3.86
C SER F 108 -10.87 -15.63 -3.84
N LEU F 109 -11.43 -16.28 -4.87
CA LEU F 109 -11.56 -17.73 -4.85
C LEU F 109 -10.21 -18.40 -5.06
N SER F 110 -9.27 -17.69 -5.71
CA SER F 110 -7.90 -18.18 -5.87
C SER F 110 -7.02 -17.70 -4.72
N GLY F 111 -7.63 -17.17 -3.65
CA GLY F 111 -6.85 -16.76 -2.49
C GLY F 111 -6.00 -15.51 -2.74
N GLY F 112 -6.41 -14.72 -3.75
CA GLY F 112 -5.87 -13.39 -3.99
C GLY F 112 -4.81 -13.38 -5.08
N LYS F 113 -5.02 -14.13 -6.17
CA LYS F 113 -3.97 -14.33 -7.16
C LYS F 113 -4.48 -14.06 -8.57
N ALA F 114 -5.67 -14.57 -8.90
CA ALA F 114 -6.24 -14.26 -10.21
C ALA F 114 -6.45 -12.75 -10.31
N ASP F 115 -6.25 -12.26 -11.55
CA ASP F 115 -6.55 -10.89 -11.94
C ASP F 115 -7.98 -10.52 -11.58
N ILE F 116 -8.22 -9.21 -11.51
CA ILE F 116 -9.55 -8.64 -11.57
C ILE F 116 -10.07 -8.86 -12.98
N ASP F 117 -11.31 -9.33 -13.16
CA ASP F 117 -11.89 -9.45 -14.49
C ASP F 117 -12.65 -8.16 -14.83
N LYS F 118 -12.59 -7.76 -16.10
CA LYS F 118 -13.00 -6.43 -16.55
C LYS F 118 -13.83 -6.52 -17.82
N ALA F 119 -14.75 -5.58 -17.99
CA ALA F 119 -15.54 -5.46 -19.20
C ALA F 119 -16.43 -4.22 -19.09
N SER F 120 -16.54 -3.52 -20.21
CA SER F 120 -17.15 -2.21 -20.31
C SER F 120 -18.66 -2.37 -20.25
N THR F 121 -19.34 -1.31 -19.80
CA THR F 121 -20.77 -1.35 -19.60
C THR F 121 -21.38 -0.07 -20.14
N ARG F 122 -22.57 -0.21 -20.70
CA ARG F 122 -23.22 0.88 -21.38
C ARG F 122 -24.70 0.90 -21.01
N ILE F 123 -25.20 2.10 -20.70
CA ILE F 123 -26.62 2.35 -20.52
C ILE F 123 -26.99 3.52 -21.42
N GLY F 124 -28.10 3.40 -22.17
CA GLY F 124 -28.50 4.49 -23.06
C GLY F 124 -29.28 5.58 -22.31
N SER F 125 -30.13 6.34 -23.06
CA SER F 125 -30.85 7.48 -22.51
C SER F 125 -32.26 7.07 -22.11
N ASP F 126 -32.90 7.89 -21.28
CA ASP F 126 -34.32 7.75 -20.98
C ASP F 126 -34.59 6.41 -20.26
N CYS F 127 -33.61 5.95 -19.47
CA CYS F 127 -33.73 4.70 -18.73
C CYS F 127 -34.04 4.94 -17.26
N TYR F 128 -34.69 3.97 -16.65
CA TYR F 128 -35.02 4.02 -15.23
C TYR F 128 -34.46 2.76 -14.58
N LEU F 129 -33.52 2.91 -13.62
CA LEU F 129 -33.01 1.80 -12.84
C LEU F 129 -33.62 1.93 -11.44
N GLY F 130 -34.44 0.96 -11.07
CA GLY F 130 -35.14 1.01 -9.80
C GLY F 130 -34.20 0.77 -8.63
N PRO F 131 -34.63 1.13 -7.40
CA PRO F 131 -33.85 0.92 -6.19
C PRO F 131 -33.11 -0.39 -6.12
N ASN F 132 -31.81 -0.31 -5.85
CA ASN F 132 -31.01 -1.48 -5.51
C ASN F 132 -30.84 -2.39 -6.72
N THR F 133 -30.99 -1.87 -7.93
CA THR F 133 -30.57 -2.61 -9.11
C THR F 133 -29.06 -2.77 -9.15
N ILE F 134 -28.63 -3.95 -9.57
CA ILE F 134 -27.23 -4.27 -9.78
C ILE F 134 -27.05 -4.58 -11.26
N ILE F 135 -26.08 -3.91 -11.92
CA ILE F 135 -25.75 -4.10 -13.34
C ILE F 135 -24.32 -4.60 -13.36
N VAL F 136 -24.06 -5.76 -13.97
CA VAL F 136 -22.73 -6.35 -13.92
C VAL F 136 -21.90 -5.94 -15.15
N LYS F 137 -20.62 -6.31 -15.15
CA LYS F 137 -19.71 -5.96 -16.22
C LYS F 137 -20.16 -6.59 -17.55
N GLY F 138 -19.96 -5.81 -18.63
CA GLY F 138 -20.17 -6.28 -19.99
C GLY F 138 -21.58 -6.07 -20.50
N VAL F 139 -22.45 -5.47 -19.69
CA VAL F 139 -23.84 -5.31 -20.06
C VAL F 139 -24.03 -4.05 -20.89
N LYS F 140 -24.80 -4.17 -22.00
CA LYS F 140 -25.30 -3.02 -22.74
C LYS F 140 -26.81 -2.94 -22.53
N ILE F 141 -27.24 -1.81 -21.98
CA ILE F 141 -28.65 -1.50 -21.89
C ILE F 141 -28.94 -0.44 -22.96
N GLY F 142 -30.05 -0.64 -23.68
CA GLY F 142 -30.44 0.28 -24.73
C GLY F 142 -31.13 1.51 -24.15
N ASP F 143 -31.85 2.23 -25.02
CA ASP F 143 -32.57 3.43 -24.61
C ASP F 143 -33.98 3.05 -24.18
N ARG F 144 -34.55 3.85 -23.28
CA ARG F 144 -35.95 3.73 -22.91
C ARG F 144 -36.20 2.34 -22.32
N VAL F 145 -35.30 1.93 -21.42
CA VAL F 145 -35.43 0.69 -20.67
C VAL F 145 -35.83 0.99 -19.22
N VAL F 146 -36.73 0.13 -18.70
CA VAL F 146 -37.08 0.11 -17.29
C VAL F 146 -36.45 -1.14 -16.67
N VAL F 147 -35.59 -0.93 -15.65
CA VAL F 147 -35.18 -2.01 -14.76
C VAL F 147 -35.88 -1.85 -13.41
N GLY F 148 -36.67 -2.87 -13.05
CA GLY F 148 -37.42 -2.84 -11.80
C GLY F 148 -36.48 -2.91 -10.59
N ALA F 149 -36.96 -2.39 -9.45
CA ALA F 149 -36.24 -2.52 -8.19
C ALA F 149 -35.76 -3.95 -7.95
N ASN F 150 -34.62 -4.07 -7.25
CA ASN F 150 -34.11 -5.31 -6.70
C ASN F 150 -33.63 -6.25 -7.79
N SER F 151 -33.41 -5.73 -9.00
CA SER F 151 -33.02 -6.56 -10.13
C SER F 151 -31.52 -6.84 -10.14
N LEU F 152 -31.13 -7.93 -10.79
CA LEU F 152 -29.75 -8.20 -11.13
C LEU F 152 -29.65 -8.43 -12.64
N VAL F 153 -29.03 -7.50 -13.36
CA VAL F 153 -28.98 -7.56 -14.82
C VAL F 153 -27.64 -8.20 -15.18
N LEU F 154 -27.70 -9.39 -15.78
CA LEU F 154 -26.51 -10.13 -16.15
C LEU F 154 -26.31 -10.14 -17.67
N LYS F 155 -27.29 -9.68 -18.44
CA LYS F 155 -27.14 -9.65 -19.89
C LYS F 155 -27.85 -8.45 -20.53
N ASP F 156 -27.53 -8.24 -21.81
CA ASP F 156 -27.93 -7.05 -22.55
C ASP F 156 -29.44 -6.90 -22.58
N ILE F 157 -29.90 -5.65 -22.49
CA ILE F 157 -31.32 -5.36 -22.55
C ILE F 157 -31.56 -4.51 -23.79
N PRO F 158 -32.42 -4.96 -24.72
CA PRO F 158 -32.72 -4.10 -25.87
C PRO F 158 -33.55 -2.89 -25.46
N SER F 159 -33.46 -1.83 -26.28
CA SER F 159 -34.26 -0.63 -26.12
C SER F 159 -35.72 -0.99 -25.95
N ASP F 160 -36.47 -0.13 -25.25
CA ASP F 160 -37.92 -0.17 -25.17
C ASP F 160 -38.44 -1.38 -24.39
N CYS F 161 -37.59 -2.01 -23.57
CA CYS F 161 -37.99 -3.17 -22.78
C CYS F 161 -38.05 -2.83 -21.27
N LYS F 162 -38.93 -3.57 -20.58
CA LYS F 162 -39.01 -3.60 -19.13
C LYS F 162 -38.53 -4.97 -18.61
N VAL F 163 -37.51 -4.95 -17.72
CA VAL F 163 -37.03 -6.15 -17.09
C VAL F 163 -37.12 -6.02 -15.57
N PHE F 164 -37.23 -7.17 -14.89
CA PHE F 164 -36.96 -7.24 -13.47
C PHE F 164 -36.71 -8.69 -13.07
N GLY F 165 -36.29 -8.86 -11.82
CA GLY F 165 -35.93 -10.15 -11.29
C GLY F 165 -34.43 -10.25 -11.04
N SER F 166 -34.06 -11.28 -10.26
CA SER F 166 -32.68 -11.70 -10.13
C SER F 166 -32.61 -13.16 -10.58
N PRO F 167 -32.10 -13.49 -11.79
CA PRO F 167 -31.57 -12.54 -12.75
C PRO F 167 -32.71 -11.81 -13.45
N ALA F 168 -32.40 -10.68 -14.09
CA ALA F 168 -33.45 -9.90 -14.70
C ALA F 168 -33.81 -10.54 -16.04
N VAL F 169 -35.11 -10.65 -16.33
CA VAL F 169 -35.60 -11.11 -17.62
C VAL F 169 -36.56 -10.07 -18.17
N ILE F 170 -36.71 -10.08 -19.50
CA ILE F 170 -37.67 -9.22 -20.16
C ILE F 170 -39.08 -9.67 -19.83
N ILE F 171 -39.88 -8.73 -19.32
CA ILE F 171 -41.25 -8.98 -18.93
C ILE F 171 -42.18 -8.56 -20.06
N THR F 172 -41.96 -7.36 -20.57
CA THR F 172 -42.75 -6.79 -21.65
C THR F 172 -42.02 -5.55 -22.13
N ASP F 173 -42.63 -4.81 -23.07
CA ASP F 173 -42.04 -3.60 -23.60
C ASP F 173 -42.26 -2.51 -22.55
N SER F 174 -41.63 -1.32 -22.78
CA SER F 174 -41.67 -0.18 -21.88
C SER F 174 -42.50 0.99 -22.43
N LEU F 175 -43.27 0.76 -23.51
CA LEU F 175 -43.86 1.82 -24.31
C LEU F 175 -44.98 2.56 -23.58
N ASN F 176 -45.70 1.87 -22.70
CA ASN F 176 -46.80 2.51 -22.02
C ASN F 176 -46.28 3.62 -21.08
N TYR F 177 -45.01 3.53 -20.62
CA TYR F 177 -44.41 4.58 -19.78
C TYR F 177 -43.93 5.78 -20.60
N GLN F 178 -43.76 5.61 -21.91
CA GLN F 178 -43.35 6.69 -22.77
C GLN F 178 -44.58 7.47 -23.25
N ARG F 179 -45.76 7.03 -22.80
CA ARG F 179 -47.06 7.49 -23.27
C ARG F 179 -48.08 7.36 -22.13
#